data_5TQ0
#
_entry.id   5TQ0
#
_cell.length_a   79.980
_cell.length_b   118.346
_cell.length_c   156.200
_cell.angle_alpha   90.000
_cell.angle_beta   90.000
_cell.angle_gamma   90.000
#
_symmetry.space_group_name_H-M   'P 21 21 21'
#
loop_
_entity.id
_entity.type
_entity.pdbx_description
1 polymer 'NMDA glutamate receptor subunit'
2 polymer 'Glutamate receptor ionotropic, NMDA 2A'
3 polymer 'FAB, HEAVY CHAIN'
4 polymer 'FAB, LIGHT CHAIN'
5 non-polymer 2-acetamido-2-deoxy-beta-D-glucopyranose
6 non-polymer GLYCEROL
7 non-polymer 'SULFATE ION'
8 non-polymer 'ISOPROPYL ALCOHOL'
9 water water
#
loop_
_entity_poly.entity_id
_entity_poly.type
_entity_poly.pdbx_seq_one_letter_code
_entity_poly.pdbx_strand_id
1 'polypeptide(L)'
;PKIVNIGAVLSTKKHEQIFREAVNQANKRHFTRKIQLQATSVTHRPNAIQMALSVCEDLISSQVYAILVSHPPAPTDHLT
PTPISYTAGFYRIPVIGLTTRMSIYSDKSIHLSFLRTVPPYSHQALVWFEMMRLFNWNHVILIVSDDHEGRAAQKKLETL
LEGKESKSKKRNYENLDQLSYDNKRGPKADKVLQFEPGTKNLTALLLEAKELEARVIILSASEDDATAVYKSAAMLDMTG
AGYVWLVGEREISGSALRYAPDGIIGLQLINGKNESAHISDAVAVVAQAIHELFEMENITDPPRGCVGNTNIWKTGPLFK
RVLMSSKYPDGVTGRIEFNEDGDRKFAQYSIMNLQNRKLVQVGIFNGSYIIQNDRKIIWPGGETEGTLVPR
;
A
2 'polypeptide(L)'
;LNIAVLLGHSHDVTERELRNLWGPEQATGLPLDVNVVALLMNRTDPKSLITHVCDLMSGARIHGLVFGDDTDQEAVAQML
DFISSQTFIPILGIHGGASMIMADKDPTSTFFQFGASIQQQATVMLKIMQDYDWHVFSLVTTIFPGYRDFISFIKTTVDN
SFVGWDMQNVITLDTSFEDAKTQVQLKKIHSSVILLYCSKDEAVLILSEARSLGLTGYDFFWIVPSLVSGNTELIPKEFP
SGLISVSYDDWDYSLEARVRDGLGILTTAASSMLEKFSYIPEAKASCYGQAEKPETPLHTLHQFMVNVTWDGKDLSFTEE
GYQVHPRLVVIVLNKDREWEKVGKWENQTLSLRHAVWPRY
;
B
3 'polypeptide(L)'
;EVKLVESGPELKKPGETVKISCKASGFTFTNYGMNWVKQAPGKGLKWMGWINIYTGEPTYADDFKGRFAFSLETSASTAY
LQINNLKNEDTATYFCARGYDYEGYFDYWGQGTTLTVSSAKTTPPSVYPLAPGSAAQTNSMVTLGCLVKGYFPEPVTVTW
NSGSLSSGVHTFPAVLQSDLYTLSSSVTVPSSTWPSETVTCNVAHPASSTKVDKKIVPRDC
;
H
4 'polypeptide(L)'
;DIVMTQAPATLSVTPGDRVSLSCRASQSIADYLYWYQQKSHESPRLLLKYASQSISGIPSRFSGSGSGSDFTLTINSVEP
EDVGMYYCQNGHSFPRTFGGGTKLEIKRADAAPTVSIFPPSSEQLAAGGASVVCFLNNFYPKDINVKWKIDGSERQNGVL
NSWTDQDSKDSTYSMSSTLTLTKDEYERHNSYTCEATHKTSTSPIVKSFNRNEC
;
L
#
loop_
_chem_comp.id
_chem_comp.type
_chem_comp.name
_chem_comp.formula
GOL non-polymer GLYCEROL 'C3 H8 O3'
IPA non-polymer 'ISOPROPYL ALCOHOL' 'C3 H8 O'
NAG D-saccharide, beta linking 2-acetamido-2-deoxy-beta-D-glucopyranose 'C8 H15 N O6'
SO4 non-polymer 'SULFATE ION' 'O4 S -2'
#
# COMPACT_ATOMS: atom_id res chain seq x y z
N PRO A 1 -9.71 -12.30 -20.10
CA PRO A 1 -8.75 -12.65 -19.06
C PRO A 1 -8.39 -11.45 -18.16
N LYS A 2 -9.08 -11.30 -17.04
CA LYS A 2 -8.79 -10.18 -16.14
C LYS A 2 -7.61 -10.50 -15.25
N ILE A 3 -6.86 -9.46 -14.90
CA ILE A 3 -5.68 -9.62 -14.07
C ILE A 3 -6.09 -9.61 -12.61
N VAL A 4 -5.42 -10.44 -11.81
CA VAL A 4 -5.59 -10.50 -10.37
C VAL A 4 -4.20 -10.35 -9.77
N ASN A 5 -3.99 -9.25 -9.06
CA ASN A 5 -2.68 -8.95 -8.48
C ASN A 5 -2.55 -9.59 -7.11
N ILE A 6 -1.36 -10.12 -6.82
CA ILE A 6 -1.01 -10.72 -5.55
C ILE A 6 0.17 -9.94 -4.97
N GLY A 7 -0.02 -9.40 -3.76
CA GLY A 7 1.02 -8.62 -3.13
C GLY A 7 1.97 -9.45 -2.28
N ALA A 8 3.13 -8.86 -1.98
CA ALA A 8 4.15 -9.54 -1.19
C ALA A 8 5.10 -8.52 -0.56
N VAL A 9 5.55 -8.83 0.64
CA VAL A 9 6.56 -8.05 1.35
C VAL A 9 7.62 -9.04 1.79
N LEU A 10 8.75 -9.05 1.10
CA LEU A 10 9.74 -10.10 1.26
C LEU A 10 11.04 -9.52 1.80
N SER A 11 12.01 -10.41 2.04
CA SER A 11 13.24 -10.03 2.72
C SER A 11 14.22 -9.34 1.79
N THR A 12 14.48 -9.93 0.63
CA THR A 12 15.48 -9.43 -0.31
C THR A 12 14.90 -9.36 -1.71
N LYS A 13 15.59 -8.64 -2.59
CA LYS A 13 15.19 -8.64 -4.00
C LYS A 13 15.30 -10.02 -4.61
N LYS A 14 16.26 -10.84 -4.14
CA LYS A 14 16.39 -12.20 -4.64
C LYS A 14 15.11 -13.00 -4.38
N HIS A 15 14.45 -12.76 -3.25
CA HIS A 15 13.21 -13.45 -2.94
C HIS A 15 12.03 -12.90 -3.74
N GLU A 16 12.05 -11.62 -4.09
CA GLU A 16 11.03 -11.09 -4.99
C GLU A 16 11.08 -11.80 -6.34
N GLN A 17 12.28 -12.09 -6.82
CA GLN A 17 12.42 -12.84 -8.07
C GLN A 17 11.81 -14.22 -7.94
N ILE A 18 12.02 -14.88 -6.79
CA ILE A 18 11.42 -16.18 -6.56
C ILE A 18 9.90 -16.06 -6.47
N PHE A 19 9.42 -14.97 -5.85
CA PHE A 19 7.98 -14.73 -5.78
C PHE A 19 7.39 -14.57 -7.18
N ARG A 20 8.03 -13.77 -8.03
CA ARG A 20 7.55 -13.62 -9.40
C ARG A 20 7.59 -14.95 -10.16
N GLU A 21 8.60 -15.78 -9.90
CA GLU A 21 8.67 -17.07 -10.57
C GLU A 21 7.53 -17.98 -10.15
N ALA A 22 7.20 -18.00 -8.84
CA ALA A 22 6.14 -18.88 -8.38
C ALA A 22 4.79 -18.48 -8.97
N VAL A 23 4.54 -17.17 -9.10
CA VAL A 23 3.31 -16.71 -9.71
C VAL A 23 3.32 -17.01 -11.20
N ASN A 24 4.49 -16.96 -11.83
CA ASN A 24 4.60 -17.31 -13.24
C ASN A 24 4.29 -18.79 -13.46
N GLN A 25 4.81 -19.66 -12.58
CA GLN A 25 4.46 -21.08 -12.65
C GLN A 25 2.99 -21.33 -12.32
N ALA A 26 2.41 -20.51 -11.44
CA ALA A 26 0.99 -20.64 -11.16
C ALA A 26 0.14 -20.27 -12.37
N ASN A 27 0.61 -19.32 -13.19
CA ASN A 27 -0.12 -18.97 -14.41
C ASN A 27 -0.02 -20.07 -15.45
N LYS A 28 1.08 -20.84 -15.45
CA LYS A 28 1.22 -21.93 -16.41
C LYS A 28 0.19 -23.03 -16.16
N ARG A 29 -0.22 -23.20 -14.89
CA ARG A 29 -1.12 -24.29 -14.52
C ARG A 29 -2.54 -24.11 -15.04
N HIS A 30 -2.88 -22.93 -15.55
CA HIS A 30 -4.24 -22.64 -16.01
C HIS A 30 -5.26 -22.82 -14.89
N ARG A 33 -12.78 -20.39 -16.38
CA ARG A 33 -12.33 -19.01 -16.24
C ARG A 33 -10.83 -18.91 -16.44
N LYS A 34 -10.38 -17.89 -17.17
CA LYS A 34 -8.96 -17.64 -17.33
C LYS A 34 -8.59 -16.38 -16.57
N ILE A 35 -7.61 -16.52 -15.67
CA ILE A 35 -7.11 -15.44 -14.83
C ILE A 35 -5.63 -15.30 -15.12
N GLN A 36 -5.15 -14.06 -15.14
CA GLN A 36 -3.74 -13.76 -15.26
C GLN A 36 -3.27 -13.22 -13.91
N LEU A 37 -2.58 -14.06 -13.16
CA LEU A 37 -2.00 -13.62 -11.90
C LEU A 37 -0.79 -12.73 -12.16
N GLN A 38 -0.71 -11.63 -11.43
CA GLN A 38 0.42 -10.72 -11.51
C GLN A 38 1.05 -10.55 -10.14
N ALA A 39 2.37 -10.45 -10.12
CA ALA A 39 3.14 -10.34 -8.89
C ALA A 39 3.53 -8.88 -8.67
N THR A 40 3.18 -8.35 -7.51
CA THR A 40 3.59 -7.03 -7.05
C THR A 40 4.18 -7.17 -5.67
N SER A 41 5.40 -6.66 -5.48
CA SER A 41 6.08 -6.87 -4.21
C SER A 41 7.00 -5.71 -3.91
N VAL A 42 7.34 -5.57 -2.63
CA VAL A 42 8.37 -4.66 -2.17
C VAL A 42 9.14 -5.35 -1.05
N THR A 43 10.32 -4.82 -0.75
CA THR A 43 11.05 -5.23 0.44
C THR A 43 10.58 -4.42 1.64
N HIS A 44 11.00 -4.84 2.83
CA HIS A 44 10.60 -4.15 4.04
C HIS A 44 11.19 -2.75 4.08
N ARG A 45 10.42 -1.81 4.61
CA ARG A 45 10.87 -0.44 4.74
C ARG A 45 11.65 -0.27 6.04
N PRO A 46 12.34 0.87 6.21
CA PRO A 46 13.10 1.09 7.44
C PRO A 46 12.24 1.02 8.70
N ASN A 47 11.32 1.96 8.85
CA ASN A 47 10.46 2.02 10.04
C ASN A 47 9.07 1.50 9.73
N ALA A 48 8.32 1.21 10.80
CA ALA A 48 6.98 0.66 10.65
C ALA A 48 6.03 1.63 9.97
N ILE A 49 6.18 2.93 10.23
CA ILE A 49 5.31 3.92 9.58
C ILE A 49 5.49 3.87 8.08
N GLN A 50 6.74 3.96 7.60
CA GLN A 50 6.98 3.91 6.16
C GLN A 50 6.56 2.58 5.58
N MET A 51 6.67 1.49 6.36
CA MET A 51 6.17 0.20 5.89
C MET A 51 4.66 0.25 5.65
N ALA A 52 3.92 0.81 6.60
CA ALA A 52 2.47 0.90 6.45
C ALA A 52 2.11 1.75 5.24
N LEU A 53 2.80 2.88 5.06
CA LEU A 53 2.55 3.72 3.90
C LEU A 53 2.88 3.00 2.60
N SER A 54 3.95 2.19 2.61
CA SER A 54 4.30 1.44 1.41
C SER A 54 3.28 0.35 1.10
N VAL A 55 2.58 -0.15 2.12
CA VAL A 55 1.49 -1.08 1.85
C VAL A 55 0.36 -0.38 1.12
N CYS A 56 0.08 0.88 1.49
CA CYS A 56 -0.95 1.65 0.80
C CYS A 56 -0.50 2.05 -0.60
N GLU A 57 0.68 2.65 -0.71
CA GLU A 57 1.08 3.27 -1.96
C GLU A 57 1.56 2.27 -3.00
N ASP A 58 2.22 1.19 -2.59
CA ASP A 58 2.82 0.26 -3.54
C ASP A 58 2.03 -1.02 -3.75
N LEU A 59 1.24 -1.44 -2.78
CA LEU A 59 0.54 -2.72 -2.86
C LEU A 59 -0.97 -2.55 -3.04
N ILE A 60 -1.64 -1.85 -2.13
CA ILE A 60 -3.08 -1.67 -2.24
C ILE A 60 -3.43 -0.82 -3.45
N SER A 61 -2.55 0.12 -3.82
CA SER A 61 -2.77 0.92 -5.02
C SER A 61 -2.78 0.09 -6.29
N SER A 62 -2.23 -1.13 -6.25
CA SER A 62 -2.26 -2.05 -7.38
C SER A 62 -3.43 -3.03 -7.31
N GLN A 63 -4.34 -2.85 -6.35
CA GLN A 63 -5.50 -3.72 -6.14
C GLN A 63 -5.07 -5.18 -5.98
N VAL A 64 -4.46 -5.45 -4.84
CA VAL A 64 -3.99 -6.79 -4.52
C VAL A 64 -5.09 -7.55 -3.80
N TYR A 65 -5.27 -8.82 -4.18
CA TYR A 65 -6.23 -9.67 -3.51
C TYR A 65 -5.69 -10.26 -2.22
N ALA A 66 -4.37 -10.40 -2.10
CA ALA A 66 -3.74 -10.88 -0.89
C ALA A 66 -2.32 -10.32 -0.85
N ILE A 67 -1.69 -10.42 0.32
CA ILE A 67 -0.32 -9.95 0.51
C ILE A 67 0.44 -10.98 1.32
N LEU A 68 1.53 -11.50 0.74
CA LEU A 68 2.41 -12.44 1.42
C LEU A 68 3.47 -11.66 2.19
N VAL A 69 3.71 -12.05 3.44
CA VAL A 69 4.65 -11.33 4.28
C VAL A 69 5.67 -12.29 4.87
N SER A 70 6.94 -12.00 4.66
CA SER A 70 8.03 -12.66 5.37
C SER A 70 8.72 -11.63 6.24
N HIS A 71 9.92 -11.96 6.68
CA HIS A 71 10.69 -11.12 7.60
C HIS A 71 11.67 -10.25 6.83
N PRO A 72 12.26 -9.25 7.49
CA PRO A 72 13.42 -8.57 6.92
C PRO A 72 14.70 -9.34 7.21
N PRO A 73 15.83 -8.96 6.60
CA PRO A 73 17.11 -9.61 6.95
C PRO A 73 17.63 -9.07 8.27
N ALA A 74 17.70 -9.95 9.27
CA ALA A 74 18.14 -9.59 10.62
C ALA A 74 17.33 -8.44 11.20
N HIS A 78 9.94 -11.84 16.13
CA HIS A 78 9.60 -11.30 14.82
C HIS A 78 8.17 -10.75 14.79
N LEU A 79 8.04 -9.44 15.03
CA LEU A 79 6.75 -8.74 15.01
C LEU A 79 6.71 -7.70 13.90
N THR A 80 7.46 -7.92 12.83
CA THR A 80 7.50 -7.03 11.68
C THR A 80 6.26 -7.10 10.78
N PRO A 81 5.52 -8.22 10.70
CA PRO A 81 4.31 -8.21 9.85
C PRO A 81 3.17 -7.38 10.40
N THR A 82 3.28 -6.83 11.60
CA THR A 82 2.17 -6.06 12.18
C THR A 82 1.77 -4.86 11.34
N PRO A 83 2.68 -3.97 10.91
CA PRO A 83 2.23 -2.84 10.08
C PRO A 83 1.54 -3.27 8.80
N ILE A 84 1.93 -4.41 8.22
CA ILE A 84 1.23 -4.91 7.04
C ILE A 84 -0.12 -5.47 7.42
N SER A 85 -0.21 -6.16 8.56
CA SER A 85 -1.47 -6.75 8.99
C SER A 85 -2.54 -5.69 9.23
N TYR A 86 -2.17 -4.60 9.93
CA TYR A 86 -3.14 -3.55 10.24
C TYR A 86 -3.62 -2.85 8.97
N THR A 87 -2.69 -2.44 8.11
CA THR A 87 -3.06 -1.62 6.96
C THR A 87 -3.89 -2.41 5.96
N ALA A 88 -3.47 -3.63 5.62
CA ALA A 88 -4.26 -4.45 4.71
C ALA A 88 -5.49 -5.04 5.39
N GLY A 89 -5.41 -5.29 6.70
CA GLY A 89 -6.58 -5.73 7.43
C GLY A 89 -7.65 -4.66 7.56
N PHE A 90 -7.27 -3.39 7.44
CA PHE A 90 -8.25 -2.30 7.41
C PHE A 90 -9.35 -2.56 6.39
N TYR A 91 -8.98 -3.00 5.18
CA TYR A 91 -9.92 -3.34 4.13
C TYR A 91 -10.24 -4.83 4.08
N ARG A 92 -9.82 -5.59 5.11
CA ARG A 92 -10.08 -7.03 5.18
C ARG A 92 -9.41 -7.78 4.02
N ILE A 93 -8.23 -7.32 3.63
CA ILE A 93 -7.43 -7.98 2.60
C ILE A 93 -6.60 -9.06 3.27
N PRO A 94 -6.67 -10.31 2.83
CA PRO A 94 -5.96 -11.38 3.52
C PRO A 94 -4.44 -11.18 3.50
N VAL A 95 -3.81 -11.45 4.62
CA VAL A 95 -2.38 -11.32 4.80
C VAL A 95 -1.82 -12.69 5.19
N ILE A 96 -0.97 -13.25 4.36
CA ILE A 96 -0.44 -14.59 4.57
C ILE A 96 0.98 -14.46 5.12
N GLY A 97 1.15 -14.77 6.40
CA GLY A 97 2.47 -14.74 7.02
C GLY A 97 3.27 -15.98 6.66
N LEU A 98 4.53 -15.78 6.29
CA LEU A 98 5.40 -16.86 5.85
C LEU A 98 6.46 -17.24 6.87
N THR A 99 6.82 -16.34 7.77
CA THR A 99 7.95 -16.55 8.68
C THR A 99 7.54 -16.54 10.15
N THR A 100 6.75 -15.56 10.56
CA THR A 100 6.53 -15.31 11.98
C THR A 100 5.82 -16.47 12.65
N ARG A 101 6.22 -16.75 13.90
CA ARG A 101 5.63 -17.82 14.69
C ARG A 101 5.12 -17.31 16.02
N MET A 102 5.06 -16.00 16.23
CA MET A 102 4.54 -15.46 17.47
C MET A 102 3.04 -15.66 17.55
N SER A 103 2.55 -15.92 18.75
CA SER A 103 1.15 -16.31 18.93
C SER A 103 0.18 -15.14 18.93
N ILE A 104 0.67 -13.89 19.02
CA ILE A 104 -0.24 -12.76 19.01
C ILE A 104 -1.00 -12.67 17.69
N TYR A 105 -0.48 -13.27 16.62
CA TYR A 105 -1.18 -13.23 15.34
C TYR A 105 -2.33 -14.22 15.26
N SER A 106 -2.45 -15.14 16.23
CA SER A 106 -3.59 -16.03 16.28
C SER A 106 -4.82 -15.38 16.90
N ASP A 107 -4.68 -14.19 17.48
CA ASP A 107 -5.78 -13.46 18.08
C ASP A 107 -6.48 -12.66 16.99
N LYS A 108 -7.68 -13.09 16.60
CA LYS A 108 -8.37 -12.42 15.51
C LYS A 108 -8.99 -11.10 15.93
N SER A 109 -9.03 -10.79 17.22
CA SER A 109 -9.51 -9.48 17.64
C SER A 109 -8.56 -8.35 17.23
N ILE A 110 -7.31 -8.68 16.92
CA ILE A 110 -6.33 -7.66 16.55
C ILE A 110 -5.77 -7.93 15.15
N HIS A 111 -5.66 -9.20 14.77
CA HIS A 111 -5.19 -9.58 13.44
C HIS A 111 -6.26 -10.45 12.77
N LEU A 112 -7.40 -9.84 12.44
CA LEU A 112 -8.52 -10.59 11.90
C LEU A 112 -8.20 -11.20 10.53
N SER A 113 -7.49 -10.45 9.68
CA SER A 113 -7.27 -10.85 8.30
C SER A 113 -5.91 -11.51 8.09
N PHE A 114 -5.41 -12.23 9.08
CA PHE A 114 -4.06 -12.78 9.05
C PHE A 114 -4.10 -14.30 8.97
N LEU A 115 -3.26 -14.87 8.11
CA LEU A 115 -3.06 -16.31 8.01
C LEU A 115 -1.57 -16.59 8.04
N ARG A 116 -1.22 -17.87 8.08
CA ARG A 116 0.16 -18.30 8.27
C ARG A 116 0.39 -19.64 7.58
N THR A 117 1.51 -19.73 6.84
CA THR A 117 1.97 -21.02 6.34
C THR A 117 2.85 -21.75 7.33
N VAL A 118 3.18 -21.14 8.46
CA VAL A 118 3.92 -21.78 9.55
C VAL A 118 3.06 -21.73 10.80
N PRO A 119 3.15 -22.72 11.68
CA PRO A 119 2.37 -22.68 12.93
C PRO A 119 3.06 -21.85 13.98
N PRO A 120 2.31 -21.24 14.89
CA PRO A 120 2.93 -20.53 16.01
C PRO A 120 3.63 -21.50 16.96
N TYR A 121 4.50 -20.93 17.80
CA TYR A 121 5.20 -21.76 18.80
C TYR A 121 4.24 -22.50 19.70
N SER A 122 3.05 -21.94 19.95
CA SER A 122 2.09 -22.56 20.86
C SER A 122 1.62 -23.91 20.34
N HIS A 123 1.57 -24.10 19.03
CA HIS A 123 1.11 -25.37 18.48
C HIS A 123 2.13 -26.49 18.63
N GLN A 124 3.31 -26.22 19.19
CA GLN A 124 4.23 -27.30 19.53
C GLN A 124 3.63 -28.25 20.58
N ALA A 125 2.64 -27.79 21.33
CA ALA A 125 1.99 -28.66 22.32
C ALA A 125 1.31 -29.84 21.67
N LEU A 126 0.99 -29.75 20.38
CA LEU A 126 0.45 -30.91 19.67
C LEU A 126 1.43 -32.08 19.71
N VAL A 127 2.73 -31.79 19.58
CA VAL A 127 3.72 -32.85 19.61
C VAL A 127 3.94 -33.32 21.04
N TRP A 128 3.95 -32.39 22.00
CA TRP A 128 4.01 -32.75 23.41
C TRP A 128 2.87 -33.67 23.80
N PHE A 129 1.66 -33.39 23.29
CA PHE A 129 0.52 -34.25 23.59
C PHE A 129 0.72 -35.66 23.02
N GLU A 130 1.29 -35.75 21.81
CA GLU A 130 1.46 -37.06 21.18
C GLU A 130 2.54 -37.89 21.85
N MET A 131 3.60 -37.25 22.34
CA MET A 131 4.61 -38.01 23.06
C MET A 131 4.11 -38.46 24.43
N MET A 132 3.18 -37.71 25.02
CA MET A 132 2.57 -38.19 26.26
C MET A 132 1.72 -39.42 26.01
N ARG A 133 1.09 -39.51 24.84
CA ARG A 133 0.36 -40.73 24.49
C ARG A 133 1.31 -41.85 24.10
N LEU A 134 2.46 -41.52 23.51
CA LEU A 134 3.40 -42.54 23.09
C LEU A 134 4.04 -43.23 24.29
N PHE A 135 4.49 -42.45 25.27
CA PHE A 135 5.10 -42.99 26.47
C PHE A 135 4.12 -43.22 27.61
N ASN A 136 2.83 -42.98 27.38
CA ASN A 136 1.80 -43.11 28.41
C ASN A 136 2.11 -42.25 29.62
N TRP A 137 2.67 -41.06 29.38
CA TRP A 137 2.90 -40.10 30.44
C TRP A 137 1.58 -39.49 30.88
N ASN A 138 1.32 -39.48 32.18
CA ASN A 138 0.07 -38.96 32.72
C ASN A 138 0.26 -37.86 33.75
N HIS A 139 1.49 -37.54 34.12
CA HIS A 139 1.76 -36.50 35.12
C HIS A 139 2.96 -35.69 34.62
N VAL A 140 2.69 -34.50 34.07
CA VAL A 140 3.75 -33.63 33.59
C VAL A 140 3.68 -32.31 34.33
N ILE A 141 4.80 -31.61 34.37
CA ILE A 141 4.90 -30.28 34.96
C ILE A 141 5.19 -29.30 33.82
N LEU A 142 4.31 -28.32 33.66
CA LEU A 142 4.45 -27.32 32.61
C LEU A 142 4.99 -26.03 33.20
N ILE A 143 6.15 -25.59 32.71
CA ILE A 143 6.76 -24.32 33.13
C ILE A 143 6.72 -23.37 31.94
N VAL A 144 5.96 -22.29 32.06
CA VAL A 144 5.78 -21.32 30.99
C VAL A 144 6.11 -19.93 31.51
N SER A 145 6.46 -19.04 30.58
CA SER A 145 6.69 -17.65 30.91
C SER A 145 5.38 -16.88 30.91
N ASP A 146 5.31 -15.86 31.77
CA ASP A 146 4.10 -15.05 31.91
C ASP A 146 4.09 -14.00 30.81
N ASP A 147 3.75 -14.44 29.60
CA ASP A 147 3.65 -13.57 28.44
C ASP A 147 2.67 -14.20 27.46
N HIS A 148 2.48 -13.53 26.32
CA HIS A 148 1.53 -14.03 25.33
C HIS A 148 1.90 -15.42 24.86
N GLU A 149 3.19 -15.66 24.61
CA GLU A 149 3.61 -16.96 24.10
C GLU A 149 3.49 -18.06 25.16
N GLY A 150 3.74 -17.72 26.42
CA GLY A 150 3.65 -18.73 27.46
C GLY A 150 2.23 -19.19 27.72
N ARG A 151 1.28 -18.24 27.76
CA ARG A 151 -0.11 -18.61 28.00
C ARG A 151 -0.68 -19.40 26.82
N ALA A 152 -0.30 -19.05 25.60
CA ALA A 152 -0.83 -19.73 24.43
C ALA A 152 -0.36 -21.18 24.38
N ALA A 153 0.89 -21.44 24.77
CA ALA A 153 1.36 -22.81 24.84
C ALA A 153 0.63 -23.58 25.93
N GLN A 154 0.36 -22.93 27.06
CA GLN A 154 -0.37 -23.59 28.14
C GLN A 154 -1.81 -23.91 27.72
N LYS A 155 -2.48 -22.98 27.06
CA LYS A 155 -3.88 -23.18 26.73
C LYS A 155 -4.07 -24.28 25.68
N LYS A 156 -3.16 -24.35 24.70
CA LYS A 156 -3.27 -25.38 23.66
C LYS A 156 -3.03 -26.76 24.24
N LEU A 157 -2.09 -26.88 25.20
CA LEU A 157 -1.82 -28.18 25.82
C LEU A 157 -2.99 -28.64 26.68
N GLU A 158 -3.55 -27.73 27.49
CA GLU A 158 -4.63 -28.11 28.39
C GLU A 158 -5.92 -28.42 27.63
N THR A 159 -6.08 -27.84 26.43
CA THR A 159 -7.23 -28.18 25.61
C THR A 159 -7.15 -29.61 25.11
N LEU A 160 -5.97 -30.02 24.61
CA LEU A 160 -5.82 -31.38 24.12
C LEU A 160 -5.97 -32.40 25.24
N LEU A 161 -5.56 -32.03 26.46
CA LEU A 161 -5.70 -32.94 27.60
C LEU A 161 -7.15 -33.00 28.07
N GLU A 162 -7.85 -31.86 28.06
CA GLU A 162 -9.25 -31.83 28.45
C GLU A 162 -10.16 -32.53 27.45
N GLY A 163 -9.65 -32.87 26.27
CA GLY A 163 -10.43 -33.64 25.31
C GLY A 163 -10.58 -35.11 25.64
N LYS A 164 -10.10 -35.55 26.80
CA LYS A 164 -10.23 -36.94 27.22
C LYS A 164 -11.49 -37.15 28.06
N PRO A 187 -6.28 -29.68 32.69
CA PRO A 187 -6.12 -29.98 34.12
C PRO A 187 -6.17 -31.48 34.41
N LYS A 188 -5.98 -31.84 35.69
CA LYS A 188 -6.07 -33.21 36.18
C LYS A 188 -4.93 -34.09 35.67
N ALA A 189 -4.08 -33.54 34.79
CA ALA A 189 -2.94 -34.29 34.27
C ALA A 189 -1.66 -33.48 34.22
N ASP A 190 -1.72 -32.17 34.42
CA ASP A 190 -0.55 -31.31 34.34
C ASP A 190 -0.65 -30.22 35.39
N LYS A 191 0.50 -29.81 35.91
CA LYS A 191 0.60 -28.70 36.84
C LYS A 191 1.39 -27.59 36.16
N VAL A 192 0.88 -26.37 36.25
CA VAL A 192 1.44 -25.22 35.53
C VAL A 192 2.15 -24.31 36.53
N LEU A 193 3.37 -23.91 36.20
CA LEU A 193 4.14 -22.94 36.98
C LEU A 193 4.60 -21.84 36.05
N GLN A 194 4.22 -20.60 36.37
CA GLN A 194 4.55 -19.47 35.52
C GLN A 194 5.61 -18.60 36.22
N PHE A 195 6.42 -17.93 35.40
CA PHE A 195 7.46 -17.05 35.89
C PHE A 195 7.50 -15.79 35.03
N GLU A 196 7.79 -14.67 35.67
CA GLU A 196 7.85 -13.41 34.94
C GLU A 196 9.05 -13.41 34.00
N PRO A 197 8.89 -13.01 32.75
CA PRO A 197 10.03 -12.97 31.83
C PRO A 197 11.09 -11.98 32.30
N GLY A 198 12.34 -12.28 31.94
CA GLY A 198 13.46 -11.48 32.36
C GLY A 198 13.99 -11.80 33.75
N THR A 199 13.34 -12.70 34.48
CA THR A 199 13.78 -13.09 35.80
C THR A 199 14.84 -14.17 35.70
N LYS A 200 16.00 -13.93 36.32
CA LYS A 200 17.08 -14.90 36.35
C LYS A 200 17.15 -15.66 37.66
N ASN A 201 16.14 -15.53 38.51
CA ASN A 201 16.12 -16.12 39.84
C ASN A 201 14.95 -17.08 39.95
N LEU A 202 15.05 -18.21 39.25
CA LEU A 202 14.00 -19.23 39.26
C LEU A 202 14.21 -20.28 40.33
N THR A 203 14.98 -19.96 41.38
CA THR A 203 15.29 -20.95 42.40
C THR A 203 14.03 -21.36 43.16
N ALA A 204 13.21 -20.39 43.55
CA ALA A 204 11.99 -20.71 44.29
C ALA A 204 10.98 -21.45 43.42
N LEU A 205 10.87 -21.05 42.15
CA LEU A 205 9.93 -21.72 41.25
C LEU A 205 10.34 -23.17 41.02
N LEU A 206 11.63 -23.41 40.83
CA LEU A 206 12.08 -24.77 40.55
C LEU A 206 12.00 -25.66 41.79
N LEU A 207 12.25 -25.09 42.98
CA LEU A 207 12.05 -25.85 44.20
C LEU A 207 10.59 -26.23 44.38
N GLU A 208 9.67 -25.37 43.95
CA GLU A 208 8.26 -25.73 43.94
C GLU A 208 7.99 -26.88 42.97
N ALA A 209 8.66 -26.89 41.82
CA ALA A 209 8.52 -28.02 40.90
C ALA A 209 9.01 -29.30 41.55
N LYS A 210 10.11 -29.23 42.30
CA LYS A 210 10.62 -30.40 42.99
C LYS A 210 9.63 -30.87 44.06
N GLU A 211 9.06 -29.93 44.81
CA GLU A 211 8.11 -30.29 45.85
C GLU A 211 6.84 -30.93 45.30
N LEU A 212 6.54 -30.71 44.02
CA LEU A 212 5.38 -31.32 43.38
C LEU A 212 5.71 -32.67 42.74
N GLU A 213 6.86 -33.26 43.08
CA GLU A 213 7.27 -34.56 42.59
C GLU A 213 7.35 -34.56 41.06
N ALA A 214 8.17 -33.65 40.54
CA ALA A 214 8.30 -33.48 39.11
C ALA A 214 9.15 -34.58 38.51
N ARG A 215 8.64 -35.17 37.42
CA ARG A 215 9.37 -36.16 36.63
C ARG A 215 9.58 -35.66 35.20
N VAL A 216 8.50 -35.42 34.46
CA VAL A 216 8.57 -34.89 33.11
C VAL A 216 8.26 -33.40 33.17
N ILE A 217 9.20 -32.56 32.76
CA ILE A 217 9.04 -31.11 32.75
C ILE A 217 8.93 -30.65 31.30
N ILE A 218 7.90 -29.85 31.02
CA ILE A 218 7.70 -29.24 29.72
C ILE A 218 7.91 -27.73 29.89
N LEU A 219 8.88 -27.20 29.16
CA LEU A 219 9.28 -25.80 29.28
C LEU A 219 8.87 -25.04 28.02
N SER A 220 8.23 -23.89 28.21
CA SER A 220 7.86 -22.99 27.12
C SER A 220 8.33 -21.59 27.49
N ALA A 221 9.44 -21.15 26.89
CA ALA A 221 9.99 -19.83 27.17
C ALA A 221 10.87 -19.41 26.02
N SER A 222 11.33 -18.16 26.08
CA SER A 222 12.23 -17.64 25.07
C SER A 222 13.64 -18.20 25.27
N GLU A 223 14.53 -17.88 24.33
CA GLU A 223 15.92 -18.34 24.45
C GLU A 223 16.57 -17.79 25.71
N ASP A 224 16.37 -16.50 25.99
CA ASP A 224 16.95 -15.90 27.19
C ASP A 224 16.31 -16.45 28.45
N ASP A 225 15.00 -16.70 28.42
CA ASP A 225 14.34 -17.22 29.61
C ASP A 225 14.67 -18.70 29.82
N ALA A 226 14.69 -19.49 28.74
CA ALA A 226 15.03 -20.90 28.89
C ALA A 226 16.44 -21.09 29.39
N THR A 227 17.36 -20.20 28.98
CA THR A 227 18.71 -20.24 29.50
C THR A 227 18.72 -20.06 31.01
N ALA A 228 17.93 -19.12 31.52
CA ALA A 228 17.86 -18.89 32.95
C ALA A 228 17.26 -20.08 33.69
N VAL A 229 16.32 -20.78 33.05
CA VAL A 229 15.74 -21.96 33.67
C VAL A 229 16.76 -23.08 33.77
N TYR A 230 17.51 -23.30 32.70
CA TYR A 230 18.50 -24.38 32.70
C TYR A 230 19.58 -24.15 33.75
N LYS A 231 20.06 -22.90 33.88
CA LYS A 231 21.13 -22.61 34.83
C LYS A 231 20.66 -22.83 36.27
N SER A 232 19.42 -22.43 36.57
CA SER A 232 18.87 -22.70 37.89
C SER A 232 18.46 -24.14 38.07
N ALA A 233 18.22 -24.86 36.98
CA ALA A 233 17.89 -26.28 37.10
C ALA A 233 19.13 -27.10 37.46
N ALA A 234 20.28 -26.77 36.87
CA ALA A 234 21.52 -27.42 37.26
C ALA A 234 21.89 -27.12 38.69
N MET A 235 21.36 -26.01 39.25
CA MET A 235 21.60 -25.71 40.65
C MET A 235 20.99 -26.75 41.57
N LEU A 236 19.77 -27.19 41.28
CA LEU A 236 19.05 -28.12 42.14
C LEU A 236 19.22 -29.57 41.71
N ASP A 237 20.22 -29.84 40.86
CA ASP A 237 20.47 -31.18 40.35
C ASP A 237 19.24 -31.77 39.68
N MET A 238 18.60 -30.96 38.83
CA MET A 238 17.44 -31.37 38.04
C MET A 238 17.75 -31.50 36.56
N THR A 239 19.01 -31.37 36.16
CA THR A 239 19.42 -31.54 34.78
C THR A 239 19.94 -32.94 34.50
N GLY A 240 19.94 -33.83 35.49
CA GLY A 240 20.48 -35.16 35.31
C GLY A 240 19.44 -36.25 35.43
N ALA A 241 19.82 -37.36 36.04
CA ALA A 241 18.94 -38.51 36.13
C ALA A 241 17.67 -38.15 36.91
N GLY A 242 16.61 -38.93 36.66
CA GLY A 242 15.36 -38.73 37.35
C GLY A 242 14.48 -37.65 36.78
N TYR A 243 14.83 -37.10 35.62
CA TYR A 243 14.08 -36.01 35.01
C TYR A 243 14.06 -36.16 33.50
N VAL A 244 12.97 -35.72 32.89
CA VAL A 244 12.80 -35.71 31.44
C VAL A 244 12.38 -34.30 31.04
N TRP A 245 13.13 -33.69 30.13
CA TRP A 245 12.87 -32.33 29.68
C TRP A 245 12.31 -32.36 28.27
N LEU A 246 11.09 -31.81 28.12
CA LEU A 246 10.41 -31.69 26.84
C LEU A 246 10.24 -30.20 26.54
N VAL A 247 10.84 -29.73 25.45
CA VAL A 247 10.85 -28.32 25.10
C VAL A 247 10.53 -28.17 23.61
N GLY A 248 10.46 -26.93 23.17
CA GLY A 248 10.22 -26.57 21.79
C GLY A 248 11.50 -26.16 21.07
N GLU A 249 11.38 -25.21 20.15
CA GLU A 249 12.52 -24.84 19.32
C GLU A 249 13.36 -23.72 19.92
N ARG A 250 12.73 -22.67 20.45
CA ARG A 250 13.50 -21.59 21.03
C ARG A 250 14.36 -22.06 22.20
N GLU A 251 13.89 -23.07 22.93
CA GLU A 251 14.60 -23.56 24.10
C GLU A 251 15.80 -24.43 23.75
N ILE A 252 16.00 -24.75 22.46
CA ILE A 252 17.20 -25.45 22.03
C ILE A 252 17.88 -24.64 20.94
N SER A 253 17.80 -23.31 21.03
CA SER A 253 18.32 -22.41 20.00
C SER A 253 19.27 -21.40 20.62
N GLY A 254 20.47 -21.30 20.06
CA GLY A 254 21.43 -20.30 20.47
C GLY A 254 21.92 -20.43 21.89
N SER A 255 21.67 -19.40 22.70
CA SER A 255 22.18 -19.38 24.07
C SER A 255 21.59 -20.52 24.90
N ALA A 256 20.32 -20.83 24.69
CA ALA A 256 19.66 -21.88 25.46
C ALA A 256 20.31 -23.24 25.22
N LEU A 257 20.78 -23.49 23.99
CA LEU A 257 21.41 -24.77 23.70
C LEU A 257 22.72 -24.94 24.46
N ARG A 258 23.42 -23.84 24.72
CA ARG A 258 24.71 -23.93 25.41
C ARG A 258 24.54 -24.37 26.86
N TYR A 259 23.40 -24.07 27.47
CA TYR A 259 23.13 -24.46 28.84
C TYR A 259 22.10 -25.57 28.96
N ALA A 260 21.59 -26.08 27.85
CA ALA A 260 20.58 -27.11 27.90
C ALA A 260 21.17 -28.39 28.53
N PRO A 261 20.41 -29.11 29.34
CA PRO A 261 20.93 -30.36 29.91
C PRO A 261 21.05 -31.43 28.85
N ASP A 262 22.10 -32.25 28.98
CA ASP A 262 22.25 -33.40 28.10
C ASP A 262 21.06 -34.33 28.26
N GLY A 263 20.49 -34.76 27.12
CA GLY A 263 19.34 -35.61 27.12
C GLY A 263 18.02 -34.89 26.93
N ILE A 264 18.04 -33.57 26.79
CA ILE A 264 16.83 -32.81 26.55
C ILE A 264 16.26 -33.18 25.18
N ILE A 265 14.94 -33.04 25.05
CA ILE A 265 14.26 -33.33 23.79
C ILE A 265 13.51 -32.07 23.37
N GLY A 266 13.83 -31.57 22.18
CA GLY A 266 13.22 -30.37 21.66
C GLY A 266 12.67 -30.61 20.26
N LEU A 267 12.17 -29.52 19.67
CA LEU A 267 11.51 -29.58 18.38
C LEU A 267 12.17 -28.60 17.42
N GLN A 268 12.11 -28.92 16.13
CA GLN A 268 12.57 -28.03 15.08
C GLN A 268 11.59 -28.10 13.94
N LEU A 269 10.97 -26.97 13.62
CA LEU A 269 9.96 -26.92 12.56
C LEU A 269 10.63 -27.11 11.21
N ILE A 270 10.25 -28.18 10.50
CA ILE A 270 10.82 -28.46 9.19
C ILE A 270 10.41 -27.35 8.23
N ASN A 271 11.40 -26.81 7.50
CA ASN A 271 11.20 -25.73 6.54
C ASN A 271 10.65 -24.46 7.19
N GLY A 272 10.77 -24.34 8.51
CA GLY A 272 10.23 -23.17 9.20
C GLY A 272 10.95 -21.90 8.81
N LYS A 273 12.22 -21.99 8.46
CA LYS A 273 13.02 -20.82 8.10
C LYS A 273 13.33 -20.76 6.61
N ASN A 274 12.70 -21.58 5.77
CA ASN A 274 12.95 -21.52 4.33
C ASN A 274 11.91 -20.62 3.70
N GLU A 275 12.29 -19.38 3.41
CA GLU A 275 11.35 -18.39 2.91
C GLU A 275 10.83 -18.77 1.53
N SER A 276 11.70 -19.25 0.65
CA SER A 276 11.27 -19.57 -0.70
C SER A 276 10.25 -20.70 -0.71
N ALA A 277 10.46 -21.73 0.11
CA ALA A 277 9.49 -22.81 0.19
C ALA A 277 8.11 -22.31 0.56
N HIS A 278 8.04 -21.37 1.49
CA HIS A 278 6.74 -20.81 1.87
C HIS A 278 6.27 -19.76 0.89
N ILE A 279 7.17 -19.19 0.09
CA ILE A 279 6.73 -18.31 -0.99
C ILE A 279 5.97 -19.11 -2.04
N SER A 280 6.53 -20.26 -2.44
CA SER A 280 5.89 -21.03 -3.51
C SER A 280 4.69 -21.81 -2.99
N ASP A 281 4.66 -22.14 -1.71
CA ASP A 281 3.49 -22.81 -1.15
C ASP A 281 2.31 -21.85 -0.99
N ALA A 282 2.57 -20.65 -0.48
CA ALA A 282 1.49 -19.68 -0.30
C ALA A 282 0.92 -19.25 -1.64
N VAL A 283 1.78 -19.05 -2.65
CA VAL A 283 1.31 -18.73 -3.99
C VAL A 283 0.39 -19.81 -4.51
N ALA A 284 0.77 -21.08 -4.33
CA ALA A 284 -0.07 -22.18 -4.81
C ALA A 284 -1.43 -22.19 -4.12
N VAL A 285 -1.45 -21.95 -2.80
CA VAL A 285 -2.72 -21.93 -2.08
C VAL A 285 -3.55 -20.74 -2.51
N VAL A 286 -2.93 -19.57 -2.67
CA VAL A 286 -3.66 -18.37 -3.08
C VAL A 286 -4.22 -18.56 -4.49
N ALA A 287 -3.40 -19.09 -5.40
CA ALA A 287 -3.87 -19.31 -6.78
C ALA A 287 -5.06 -20.26 -6.81
N GLN A 288 -4.96 -21.38 -6.09
CA GLN A 288 -6.08 -22.31 -6.03
C GLN A 288 -7.32 -21.65 -5.43
N ALA A 289 -7.12 -20.75 -4.46
CA ALA A 289 -8.25 -20.10 -3.82
C ALA A 289 -8.82 -18.96 -4.68
N ILE A 290 -7.99 -18.32 -5.50
CA ILE A 290 -8.49 -17.29 -6.39
C ILE A 290 -9.47 -17.89 -7.39
N HIS A 291 -9.15 -19.05 -7.95
CA HIS A 291 -10.04 -19.66 -8.94
C HIS A 291 -11.29 -20.22 -8.29
N GLU A 292 -11.16 -20.81 -7.10
CA GLU A 292 -12.34 -21.26 -6.37
C GLU A 292 -13.19 -20.09 -5.90
N LEU A 293 -12.63 -18.88 -5.86
CA LEU A 293 -13.40 -17.69 -5.50
C LEU A 293 -14.22 -17.19 -6.68
N PHE A 294 -13.60 -17.12 -7.86
CA PHE A 294 -14.26 -16.59 -9.06
C PHE A 294 -15.29 -17.55 -9.64
N GLU A 295 -15.47 -18.75 -9.06
CA GLU A 295 -16.57 -19.61 -9.42
C GLU A 295 -17.90 -19.15 -8.82
N MET A 296 -17.87 -18.15 -7.94
CA MET A 296 -19.04 -17.62 -7.28
C MET A 296 -19.47 -16.32 -7.95
N GLU A 297 -20.58 -15.77 -7.47
CA GLU A 297 -21.16 -14.57 -8.05
C GLU A 297 -21.02 -13.39 -7.10
N ASN A 298 -21.28 -12.20 -7.63
CA ASN A 298 -21.23 -10.95 -6.87
C ASN A 298 -19.86 -10.75 -6.21
N ILE A 299 -18.85 -10.60 -7.07
CA ILE A 299 -17.45 -10.49 -6.65
C ILE A 299 -16.94 -9.11 -7.02
N THR A 300 -16.50 -8.37 -6.02
CA THR A 300 -15.99 -7.02 -6.22
C THR A 300 -14.47 -7.03 -6.23
N ASP A 301 -13.89 -5.98 -6.81
CA ASP A 301 -12.45 -5.83 -6.88
C ASP A 301 -11.92 -5.22 -5.58
N PRO A 302 -10.69 -5.53 -5.21
CA PRO A 302 -10.09 -4.90 -4.01
C PRO A 302 -9.96 -3.40 -4.19
N PRO A 303 -9.82 -2.67 -3.09
CA PRO A 303 -9.71 -1.20 -3.20
C PRO A 303 -8.53 -0.78 -4.07
N ARG A 304 -8.69 0.34 -4.76
CA ARG A 304 -7.62 0.92 -5.56
C ARG A 304 -7.01 2.07 -4.77
N GLY A 305 -6.05 1.71 -3.92
CA GLY A 305 -5.41 2.69 -3.05
C GLY A 305 -6.10 2.81 -1.72
N CYS A 306 -5.50 3.64 -0.86
CA CYS A 306 -6.05 3.90 0.47
C CYS A 306 -6.83 5.20 0.56
N VAL A 307 -6.32 6.29 -0.03
CA VAL A 307 -6.91 7.61 0.17
C VAL A 307 -8.34 7.63 -0.33
N GLY A 308 -9.26 8.10 0.52
CA GLY A 308 -10.66 8.18 0.18
C GLY A 308 -11.45 6.91 0.38
N ASN A 309 -10.78 5.78 0.56
CA ASN A 309 -11.45 4.49 0.75
C ASN A 309 -11.49 4.17 2.23
N THR A 310 -12.69 4.16 2.81
CA THR A 310 -12.87 3.85 4.22
C THR A 310 -13.64 2.55 4.45
N ASN A 311 -14.56 2.20 3.57
CA ASN A 311 -15.27 0.94 3.69
C ASN A 311 -14.33 -0.23 3.36
N ILE A 312 -14.67 -1.40 3.88
CA ILE A 312 -13.86 -2.59 3.66
C ILE A 312 -14.08 -3.12 2.26
N TRP A 313 -13.21 -4.02 1.83
CA TRP A 313 -13.42 -4.77 0.60
C TRP A 313 -14.65 -5.65 0.77
N LYS A 314 -15.64 -5.46 -0.11
CA LYS A 314 -16.93 -6.13 0.05
C LYS A 314 -16.76 -7.65 0.13
N THR A 315 -15.98 -8.22 -0.79
CA THR A 315 -15.75 -9.66 -0.80
C THR A 315 -14.50 -10.05 -0.02
N GLY A 316 -13.99 -9.15 0.82
CA GLY A 316 -12.84 -9.41 1.65
C GLY A 316 -13.02 -10.58 2.59
N PRO A 317 -14.04 -10.51 3.48
CA PRO A 317 -14.27 -11.62 4.40
C PRO A 317 -14.52 -12.95 3.69
N LEU A 318 -15.23 -12.94 2.57
CA LEU A 318 -15.48 -14.18 1.85
C LEU A 318 -14.19 -14.81 1.37
N PHE A 319 -13.31 -14.01 0.77
CA PHE A 319 -12.03 -14.53 0.29
C PHE A 319 -11.22 -15.13 1.45
N LYS A 320 -11.29 -14.51 2.64
CA LYS A 320 -10.59 -15.06 3.79
C LYS A 320 -11.16 -16.41 4.19
N ARG A 321 -12.49 -16.56 4.10
CA ARG A 321 -13.08 -17.87 4.39
C ARG A 321 -12.73 -18.88 3.32
N VAL A 322 -12.52 -18.44 2.07
CA VAL A 322 -12.13 -19.37 1.01
C VAL A 322 -10.71 -19.84 1.22
N LEU A 323 -9.82 -18.94 1.64
CA LEU A 323 -8.44 -19.31 1.91
C LEU A 323 -8.35 -20.29 3.07
N MET A 324 -9.00 -19.97 4.19
CA MET A 324 -8.87 -20.83 5.37
C MET A 324 -9.49 -22.20 5.14
N SER A 325 -10.48 -22.29 4.27
CA SER A 325 -11.08 -23.58 3.94
C SER A 325 -10.26 -24.36 2.92
N SER A 326 -9.21 -23.77 2.36
CA SER A 326 -8.44 -24.43 1.31
C SER A 326 -7.68 -25.64 1.84
N LYS A 327 -7.54 -26.64 0.98
CA LYS A 327 -6.74 -27.84 1.27
C LYS A 327 -5.80 -28.05 0.09
N TYR A 328 -4.51 -27.88 0.33
CA TYR A 328 -3.48 -28.05 -0.70
C TYR A 328 -2.52 -29.13 -0.21
N PRO A 329 -2.80 -30.40 -0.51
CA PRO A 329 -1.97 -31.49 0.04
C PRO A 329 -0.61 -31.59 -0.60
N ASP A 330 -0.51 -31.39 -1.91
CA ASP A 330 0.76 -31.38 -2.63
C ASP A 330 1.47 -30.07 -2.32
N GLY A 331 2.04 -29.95 -1.13
CA GLY A 331 2.76 -28.74 -0.83
C GLY A 331 4.22 -29.02 -0.58
N VAL A 332 5.09 -28.08 -0.90
CA VAL A 332 6.51 -28.35 -0.70
C VAL A 332 6.80 -28.50 0.80
N THR A 333 5.99 -27.88 1.64
CA THR A 333 6.04 -28.06 3.10
C THR A 333 4.90 -28.94 3.60
N GLY A 334 4.59 -30.02 2.89
CA GLY A 334 3.56 -30.93 3.33
C GLY A 334 2.16 -30.42 3.02
N ARG A 335 1.18 -31.09 3.61
CA ARG A 335 -0.20 -30.67 3.46
C ARG A 335 -0.43 -29.30 4.07
N ILE A 336 -1.11 -28.43 3.33
CA ILE A 336 -1.37 -27.06 3.76
C ILE A 336 -2.87 -26.94 3.98
N GLU A 337 -3.29 -26.95 5.25
CA GLU A 337 -4.61 -26.54 5.65
C GLU A 337 -4.46 -25.51 6.75
N PHE A 338 -5.52 -24.75 7.00
CA PHE A 338 -5.43 -23.61 7.89
C PHE A 338 -6.37 -23.76 9.08
N ASN A 339 -5.90 -23.27 10.22
CA ASN A 339 -6.64 -23.28 11.47
C ASN A 339 -7.90 -22.43 11.35
N GLU A 340 -8.77 -22.57 12.35
CA GLU A 340 -9.89 -21.67 12.46
C GLU A 340 -9.44 -20.23 12.69
N ASP A 341 -8.22 -20.04 13.20
CA ASP A 341 -7.62 -18.72 13.35
C ASP A 341 -6.67 -18.37 12.22
N GLY A 342 -6.57 -19.21 11.20
CA GLY A 342 -5.66 -18.96 10.11
C GLY A 342 -4.26 -19.53 10.26
N ASP A 343 -3.98 -20.24 11.36
CA ASP A 343 -2.66 -20.82 11.55
C ASP A 343 -2.53 -22.10 10.74
N ARG A 344 -1.30 -22.43 10.36
CA ARG A 344 -1.08 -23.58 9.50
C ARG A 344 -1.27 -24.88 10.26
N LYS A 345 -1.97 -25.82 9.63
CA LYS A 345 -2.17 -27.16 10.15
C LYS A 345 -1.30 -28.16 9.42
N PHE A 346 -1.11 -29.33 10.04
CA PHE A 346 -0.35 -30.44 9.46
C PHE A 346 1.11 -30.06 9.22
N ALA A 347 1.65 -29.21 10.09
CA ALA A 347 3.06 -28.89 10.02
C ALA A 347 3.89 -30.06 10.56
N GLN A 348 5.11 -30.18 10.06
CA GLN A 348 6.00 -31.27 10.43
C GLN A 348 7.14 -30.75 11.28
N TYR A 349 7.49 -31.49 12.31
CA TYR A 349 8.56 -31.10 13.23
C TYR A 349 9.63 -32.20 13.27
N SER A 350 10.84 -31.80 13.63
CA SER A 350 11.92 -32.73 13.95
C SER A 350 12.03 -32.84 15.46
N ILE A 351 12.00 -34.08 15.96
CA ILE A 351 12.15 -34.36 17.38
C ILE A 351 13.65 -34.51 17.65
N MET A 352 14.25 -33.46 18.19
CA MET A 352 15.69 -33.41 18.42
C MET A 352 16.00 -33.81 19.86
N ASN A 353 17.08 -34.59 20.03
CA ASN A 353 17.52 -35.06 21.34
C ASN A 353 18.99 -34.73 21.49
N LEU A 354 19.34 -33.93 22.49
CA LEU A 354 20.72 -33.47 22.67
C LEU A 354 21.59 -34.59 23.23
N GLN A 355 22.56 -35.04 22.43
CA GLN A 355 23.48 -36.12 22.82
C GLN A 355 24.90 -35.59 22.69
N ASN A 356 25.60 -35.48 23.83
CA ASN A 356 26.99 -35.06 23.87
C ASN A 356 27.19 -33.72 23.16
N ARG A 357 26.43 -32.73 23.61
CA ARG A 357 26.49 -31.36 23.10
C ARG A 357 26.12 -31.27 21.61
N LYS A 358 25.47 -32.29 21.06
CA LYS A 358 25.10 -32.30 19.66
C LYS A 358 23.63 -32.72 19.53
N LEU A 359 22.85 -31.94 18.78
CA LEU A 359 21.45 -32.26 18.58
C LEU A 359 21.31 -33.42 17.60
N VAL A 360 20.56 -34.45 18.00
CA VAL A 360 20.36 -35.64 17.19
C VAL A 360 18.87 -35.82 16.93
N GLN A 361 18.52 -36.01 15.68
CA GLN A 361 17.11 -36.23 15.32
C GLN A 361 16.74 -37.67 15.63
N VAL A 362 15.82 -37.86 16.57
CA VAL A 362 15.38 -39.19 16.97
C VAL A 362 13.98 -39.49 16.43
N GLY A 363 13.56 -38.79 15.38
CA GLY A 363 12.24 -39.00 14.81
C GLY A 363 11.59 -37.72 14.35
N ILE A 364 10.47 -37.83 13.63
CA ILE A 364 9.75 -36.67 13.13
C ILE A 364 8.27 -36.83 13.46
N PHE A 365 7.59 -35.69 13.61
CA PHE A 365 6.15 -35.64 13.70
C PHE A 365 5.64 -35.21 12.33
N ASN A 366 5.06 -36.14 11.59
CA ASN A 366 4.75 -35.91 10.18
C ASN A 366 3.42 -35.21 9.96
N GLY A 367 2.86 -34.58 11.00
CA GLY A 367 1.61 -33.84 10.93
C GLY A 367 0.50 -34.46 11.73
N SER A 368 0.49 -35.77 11.88
CA SER A 368 -0.52 -36.46 12.68
C SER A 368 0.03 -37.56 13.58
N TYR A 369 1.18 -38.15 13.27
CA TYR A 369 1.75 -39.22 14.06
C TYR A 369 3.25 -38.98 14.22
N ILE A 370 3.89 -39.81 15.04
CA ILE A 370 5.33 -39.75 15.29
C ILE A 370 5.98 -40.97 14.65
N ILE A 371 7.05 -40.75 13.91
CA ILE A 371 7.77 -41.79 13.17
C ILE A 371 9.14 -41.97 13.82
N GLN A 372 9.55 -43.21 14.04
CA GLN A 372 10.57 -43.50 15.05
C GLN A 372 12.00 -43.16 14.57
N ASN A 373 12.43 -43.74 13.45
CA ASN A 373 13.57 -43.35 12.59
C ASN A 373 14.91 -44.04 12.87
N ASP A 374 15.00 -45.02 13.77
CA ASP A 374 16.15 -45.90 13.90
C ASP A 374 17.23 -45.40 14.86
N ARG A 375 17.07 -44.23 15.47
CA ARG A 375 18.03 -43.80 16.49
C ARG A 375 17.46 -44.08 17.89
N LYS A 376 18.32 -43.96 18.89
CA LYS A 376 17.92 -44.21 20.26
C LYS A 376 18.01 -42.90 21.05
N ILE A 377 16.97 -42.62 21.83
CA ILE A 377 16.97 -41.45 22.70
C ILE A 377 17.94 -41.69 23.86
N ILE A 378 18.70 -40.66 24.20
CA ILE A 378 19.55 -40.67 25.37
C ILE A 378 18.90 -39.77 26.41
N TRP A 379 18.29 -40.37 27.43
CA TRP A 379 17.66 -39.60 28.48
C TRP A 379 18.70 -38.82 29.27
N PRO A 380 18.28 -37.80 30.02
CA PRO A 380 19.24 -37.06 30.84
C PRO A 380 19.95 -37.94 31.86
N GLY A 381 21.18 -38.34 31.54
CA GLY A 381 21.93 -39.25 32.37
C GLY A 381 22.55 -40.39 31.57
N GLY A 382 22.32 -41.63 32.01
CA GLY A 382 22.90 -42.77 31.34
C GLY A 382 21.88 -43.66 30.65
N GLU A 383 20.64 -43.65 31.13
CA GLU A 383 19.58 -44.44 30.51
C GLU A 383 19.37 -44.03 29.07
N THR A 384 19.22 -45.02 28.19
CA THR A 384 19.04 -44.82 26.75
C THR A 384 17.89 -45.69 26.27
N GLU A 385 17.01 -45.13 25.44
CA GLU A 385 15.86 -45.89 24.93
C GLU A 385 15.44 -45.34 23.56
N GLY A 386 14.63 -46.14 22.84
CA GLY A 386 14.20 -45.75 21.52
C GLY A 386 12.95 -44.89 21.51
N THR A 387 12.54 -44.47 20.30
CA THR A 387 11.32 -43.68 20.18
C THR A 387 10.11 -44.61 20.28
N LEU A 388 10.19 -45.52 21.24
CA LEU A 388 9.11 -46.30 21.86
C LEU A 388 8.29 -47.02 20.79
N VAL A 389 6.96 -47.01 20.88
CA VAL A 389 6.00 -47.84 20.15
C VAL A 389 5.99 -49.24 20.79
N PRO A 390 6.67 -49.43 21.95
CA PRO A 390 6.66 -50.75 22.62
C PRO A 390 6.69 -50.67 24.14
N ARG A 391 6.33 -51.74 24.84
CA ARG A 391 6.25 -51.78 26.32
C ARG A 391 7.37 -51.01 27.03
N LEU B 1 0.31 20.87 26.59
CA LEU B 1 0.76 22.17 26.09
C LEU B 1 0.27 22.41 24.67
N ASN B 2 0.54 21.45 23.78
CA ASN B 2 0.06 21.47 22.41
C ASN B 2 -0.76 20.22 22.15
N ILE B 3 -2.04 20.39 21.86
CA ILE B 3 -2.96 19.29 21.66
C ILE B 3 -3.73 19.53 20.37
N ALA B 4 -3.94 18.47 19.59
CA ALA B 4 -4.70 18.56 18.36
C ALA B 4 -6.02 17.83 18.50
N VAL B 5 -7.01 18.29 17.73
CA VAL B 5 -8.35 17.69 17.70
C VAL B 5 -8.76 17.47 16.26
N LEU B 6 -9.08 16.23 15.90
CA LEU B 6 -9.51 15.87 14.56
C LEU B 6 -10.92 15.31 14.61
N LEU B 7 -11.81 15.86 13.79
CA LEU B 7 -13.20 15.42 13.80
C LEU B 7 -13.75 15.15 12.41
N GLY B 8 -15.06 14.95 12.31
CA GLY B 8 -15.75 14.81 11.04
C GLY B 8 -16.75 15.92 10.81
N HIS B 9 -17.29 16.01 9.60
CA HIS B 9 -18.21 17.09 9.26
C HIS B 9 -19.52 16.96 10.02
N SER B 10 -20.01 18.11 10.50
CA SER B 10 -21.18 18.35 11.34
C SER B 10 -20.96 19.78 11.85
N HIS B 11 -21.69 20.21 12.87
CA HIS B 11 -21.31 21.44 13.57
C HIS B 11 -19.92 21.27 14.18
N ASP B 12 -19.01 22.16 13.79
CA ASP B 12 -17.59 22.05 14.14
C ASP B 12 -16.84 23.34 13.81
N VAL B 13 -15.69 23.49 14.49
CA VAL B 13 -14.45 24.17 14.08
C VAL B 13 -14.11 25.39 14.93
N THR B 14 -14.64 25.53 16.16
CA THR B 14 -14.56 26.79 16.87
C THR B 14 -13.36 26.86 17.84
N GLU B 15 -12.42 25.92 17.69
CA GLU B 15 -11.14 25.88 18.40
C GLU B 15 -11.41 25.57 19.86
N ARG B 16 -11.12 26.49 20.79
CA ARG B 16 -10.58 26.10 22.07
C ARG B 16 -11.63 26.01 23.18
N GLU B 17 -11.19 25.44 24.30
CA GLU B 17 -11.98 25.31 25.51
C GLU B 17 -12.08 26.63 26.26
N LEU B 30 -4.30 24.00 33.62
CA LEU B 30 -3.90 24.50 34.93
C LEU B 30 -2.47 25.14 34.80
N PRO B 31 -1.33 24.56 35.26
CA PRO B 31 -0.06 25.25 34.98
C PRO B 31 0.30 25.26 33.50
N LEU B 32 -0.13 24.26 32.74
CA LEU B 32 0.17 24.21 31.31
C LEU B 32 -0.69 25.21 30.54
N ASP B 33 -0.11 25.75 29.48
CA ASP B 33 -0.83 26.57 28.51
C ASP B 33 -1.20 25.68 27.32
N VAL B 34 -2.49 25.58 27.03
CA VAL B 34 -3.01 24.62 26.07
C VAL B 34 -3.28 25.34 24.75
N ASN B 35 -2.51 25.00 23.72
CA ASN B 35 -2.75 25.48 22.36
C ASN B 35 -3.41 24.33 21.60
N VAL B 36 -4.71 24.46 21.37
CA VAL B 36 -5.47 23.39 20.70
C VAL B 36 -5.41 23.62 19.19
N VAL B 37 -5.19 22.54 18.46
CA VAL B 37 -5.18 22.56 17.00
C VAL B 37 -6.43 21.83 16.53
N ALA B 38 -7.26 22.51 15.76
CA ALA B 38 -8.53 21.98 15.30
C ALA B 38 -8.50 21.85 13.78
N LEU B 39 -8.56 20.62 13.28
CA LEU B 39 -8.63 20.37 11.86
C LEU B 39 -9.71 19.33 11.60
N LEU B 40 -10.34 19.43 10.42
CA LEU B 40 -11.36 18.49 9.99
C LEU B 40 -10.92 17.80 8.70
N MET B 41 -11.37 16.56 8.53
CA MET B 41 -11.06 15.81 7.31
C MET B 41 -12.14 14.76 7.10
N ASN B 42 -12.48 14.53 5.82
CA ASN B 42 -13.48 13.53 5.47
C ASN B 42 -12.89 12.16 5.22
N ARG B 43 -11.56 12.06 5.07
CA ARG B 43 -10.90 10.81 4.76
C ARG B 43 -10.30 10.21 6.03
N THR B 44 -10.61 8.94 6.27
CA THR B 44 -10.14 8.21 7.44
C THR B 44 -9.66 6.83 6.99
N ASP B 45 -8.61 6.82 6.19
CA ASP B 45 -7.99 5.60 5.71
C ASP B 45 -6.59 5.51 6.31
N PRO B 46 -5.97 4.31 6.27
CA PRO B 46 -4.63 4.16 6.87
C PRO B 46 -3.64 5.22 6.45
N LYS B 47 -3.58 5.56 5.16
CA LYS B 47 -2.65 6.59 4.71
C LYS B 47 -3.05 7.97 5.23
N SER B 48 -4.34 8.29 5.18
CA SER B 48 -4.79 9.60 5.65
C SER B 48 -4.60 9.75 7.16
N LEU B 49 -4.85 8.68 7.91
CA LEU B 49 -4.64 8.74 9.36
C LEU B 49 -3.18 8.97 9.69
N ILE B 50 -2.27 8.19 9.08
CA ILE B 50 -0.85 8.34 9.36
C ILE B 50 -0.35 9.71 8.93
N THR B 51 -0.74 10.15 7.74
CA THR B 51 -0.23 11.41 7.20
C THR B 51 -0.63 12.59 8.09
N HIS B 52 -1.90 12.63 8.51
CA HIS B 52 -2.38 13.76 9.30
C HIS B 52 -1.68 13.83 10.66
N VAL B 53 -1.54 12.68 11.32
CA VAL B 53 -0.88 12.69 12.62
C VAL B 53 0.59 13.01 12.47
N CYS B 54 1.22 12.51 11.41
CA CYS B 54 2.64 12.78 11.21
C CYS B 54 2.88 14.23 10.78
N ASP B 55 2.10 14.72 9.81
CA ASP B 55 2.17 16.14 9.45
C ASP B 55 1.89 17.02 10.66
N LEU B 56 0.92 16.61 11.48
CA LEU B 56 0.62 17.31 12.73
C LEU B 56 1.76 17.20 13.72
N MET B 57 2.47 16.08 13.70
CA MET B 57 3.57 15.97 14.65
C MET B 57 4.75 16.79 14.18
N SER B 58 4.99 16.82 12.85
CA SER B 58 6.16 17.49 12.32
C SER B 58 6.05 19.00 12.44
N GLY B 59 4.85 19.56 12.28
CA GLY B 59 4.57 20.95 12.62
C GLY B 59 3.59 20.99 13.77
N ALA B 60 3.98 21.71 14.84
CA ALA B 60 3.21 22.05 16.04
C ALA B 60 3.66 21.36 17.32
N ARG B 61 4.45 20.30 17.20
CA ARG B 61 4.99 19.58 18.34
C ARG B 61 3.89 19.28 19.36
N ILE B 62 2.97 18.42 18.95
CA ILE B 62 1.79 18.11 19.75
C ILE B 62 2.14 17.07 20.81
N HIS B 63 1.57 17.23 22.01
CA HIS B 63 1.81 16.30 23.12
C HIS B 63 0.68 15.31 23.33
N GLY B 64 -0.44 15.47 22.63
CA GLY B 64 -1.56 14.56 22.76
C GLY B 64 -2.61 14.82 21.70
N LEU B 65 -3.33 13.77 21.30
CA LEU B 65 -4.29 13.86 20.22
C LEU B 65 -5.68 13.44 20.70
N VAL B 66 -6.68 14.22 20.33
CA VAL B 66 -8.08 13.92 20.58
C VAL B 66 -8.73 13.69 19.22
N PHE B 67 -9.08 12.45 18.93
CA PHE B 67 -9.58 12.06 17.62
C PHE B 67 -11.02 11.60 17.72
N GLY B 68 -11.86 12.15 16.87
CA GLY B 68 -13.24 11.72 16.77
C GLY B 68 -13.56 11.35 15.34
N ASP B 69 -14.50 10.44 15.17
CA ASP B 69 -14.76 9.81 13.89
C ASP B 69 -16.27 9.67 13.68
N ASP B 70 -16.66 9.51 12.42
CA ASP B 70 -18.06 9.43 12.03
C ASP B 70 -18.32 8.23 11.14
N THR B 71 -17.67 7.10 11.42
CA THR B 71 -17.80 5.91 10.57
C THR B 71 -18.07 4.67 11.44
N ASP B 72 -18.26 3.55 10.75
CA ASP B 72 -18.41 2.24 11.37
C ASP B 72 -17.15 1.39 11.26
N GLN B 73 -16.06 1.96 10.78
CA GLN B 73 -14.82 1.21 10.58
C GLN B 73 -14.13 1.03 11.92
N GLU B 74 -14.24 -0.16 12.51
CA GLU B 74 -13.54 -0.45 13.75
C GLU B 74 -12.03 -0.40 13.57
N ALA B 75 -11.53 -0.55 12.34
CA ALA B 75 -10.10 -0.56 12.09
C ALA B 75 -9.46 0.81 12.22
N VAL B 76 -10.25 1.88 12.34
CA VAL B 76 -9.67 3.20 12.62
C VAL B 76 -8.97 3.16 13.97
N ALA B 77 -9.59 2.55 14.97
CA ALA B 77 -8.94 2.42 16.27
C ALA B 77 -7.70 1.55 16.19
N GLN B 78 -7.70 0.58 15.27
CA GLN B 78 -6.51 -0.24 15.06
C GLN B 78 -5.34 0.61 14.56
N MET B 79 -5.60 1.52 13.62
CA MET B 79 -4.54 2.38 13.11
C MET B 79 -4.08 3.39 14.14
N LEU B 80 -5.02 3.98 14.89
CA LEU B 80 -4.63 4.95 15.92
C LEU B 80 -3.79 4.30 17.02
N ASP B 81 -4.08 3.05 17.37
CA ASP B 81 -3.24 2.34 18.33
C ASP B 81 -1.84 2.14 17.76
N PHE B 82 -1.74 1.80 16.48
CA PHE B 82 -0.43 1.63 15.85
C PHE B 82 0.33 2.94 15.78
N ILE B 83 -0.34 4.02 15.36
CA ILE B 83 0.31 5.33 15.28
C ILE B 83 0.79 5.78 16.66
N SER B 84 0.01 5.50 17.70
CA SER B 84 0.36 5.96 19.05
C SER B 84 1.61 5.25 19.57
N SER B 85 1.83 3.99 19.19
CA SER B 85 3.02 3.29 19.65
C SER B 85 4.24 3.60 18.79
N GLN B 86 4.05 4.24 17.63
CA GLN B 86 5.16 4.59 16.75
C GLN B 86 5.60 6.03 16.89
N THR B 87 4.72 6.93 17.32
CA THR B 87 5.07 8.33 17.55
C THR B 87 5.14 8.70 19.03
N PHE B 88 4.76 7.79 19.93
CA PHE B 88 4.69 8.06 21.36
C PHE B 88 3.74 9.21 21.68
N ILE B 89 2.72 9.40 20.85
CA ILE B 89 1.73 10.45 21.05
C ILE B 89 0.51 9.84 21.73
N PRO B 90 0.11 10.33 22.89
CA PRO B 90 -1.16 9.87 23.48
C PRO B 90 -2.35 10.27 22.62
N ILE B 91 -3.16 9.29 22.25
CA ILE B 91 -4.31 9.50 21.39
C ILE B 91 -5.55 9.03 22.12
N LEU B 92 -6.61 9.83 22.08
CA LEU B 92 -7.85 9.54 22.77
C LEU B 92 -8.96 9.32 21.75
N GLY B 93 -9.44 8.09 21.66
CA GLY B 93 -10.57 7.79 20.81
C GLY B 93 -11.84 8.36 21.42
N ILE B 94 -12.47 9.29 20.71
CA ILE B 94 -13.57 10.08 21.25
C ILE B 94 -14.92 9.62 20.72
N HIS B 95 -15.01 9.36 19.42
CA HIS B 95 -16.29 9.05 18.80
C HIS B 95 -16.04 8.28 17.52
N GLY B 96 -17.02 7.48 17.12
CA GLY B 96 -16.94 6.76 15.86
C GLY B 96 -16.14 5.47 15.97
N GLY B 97 -15.51 5.09 14.86
CA GLY B 97 -14.67 3.91 14.84
C GLY B 97 -13.47 4.01 15.74
N ALA B 98 -13.02 5.23 16.05
CA ALA B 98 -11.89 5.39 16.96
C ALA B 98 -12.23 4.92 18.37
N SER B 99 -13.51 4.94 18.74
CA SER B 99 -13.94 4.60 20.08
C SER B 99 -14.51 3.20 20.19
N MET B 100 -14.59 2.45 19.09
CA MET B 100 -15.11 1.10 19.13
C MET B 100 -14.07 0.17 19.76
N ILE B 101 -14.48 -0.59 20.75
CA ILE B 101 -13.57 -1.46 21.49
C ILE B 101 -13.56 -2.81 20.80
N MET B 102 -12.38 -3.24 20.37
CA MET B 102 -12.19 -4.54 19.75
C MET B 102 -10.88 -5.13 20.27
N ALA B 103 -9.76 -4.55 19.86
CA ALA B 103 -8.45 -5.04 20.26
C ALA B 103 -7.97 -4.35 21.52
N ASP B 104 -7.25 -5.10 22.36
CA ASP B 104 -6.64 -4.53 23.54
C ASP B 104 -5.56 -3.53 23.13
N LYS B 105 -5.48 -2.42 23.87
CA LYS B 105 -4.42 -1.45 23.65
C LYS B 105 -3.06 -2.13 23.70
N ASP B 106 -2.18 -1.74 22.80
CA ASP B 106 -0.80 -2.19 22.88
C ASP B 106 -0.18 -1.70 24.18
N PRO B 107 0.57 -2.55 24.89
CA PRO B 107 1.12 -2.12 26.19
C PRO B 107 1.99 -0.88 26.12
N THR B 108 2.84 -0.78 25.10
CA THR B 108 3.68 0.40 24.94
C THR B 108 2.91 1.60 24.41
N SER B 109 1.70 1.40 23.90
CA SER B 109 0.92 2.48 23.32
C SER B 109 0.27 3.32 24.41
N THR B 110 -0.16 4.52 24.01
CA THR B 110 -0.88 5.43 24.87
C THR B 110 -2.20 5.83 24.23
N PHE B 111 -2.91 4.84 23.68
CA PHE B 111 -4.16 5.07 22.95
C PHE B 111 -5.32 4.54 23.79
N PHE B 112 -6.21 5.44 24.21
CA PHE B 112 -7.36 5.07 25.02
C PHE B 112 -8.63 5.55 24.37
N GLN B 113 -9.72 4.83 24.61
CA GLN B 113 -10.98 5.04 23.91
C GLN B 113 -12.11 5.27 24.89
N PHE B 114 -13.05 6.13 24.49
CA PHE B 114 -14.29 6.34 25.25
C PHE B 114 -15.29 5.25 24.86
N GLY B 115 -14.99 4.02 25.31
CA GLY B 115 -15.78 2.88 24.92
C GLY B 115 -15.95 1.92 26.07
N ALA B 116 -16.82 0.94 25.85
CA ALA B 116 -17.16 -0.07 26.84
C ALA B 116 -16.76 -1.45 26.34
N SER B 117 -16.26 -2.28 27.25
CA SER B 117 -15.90 -3.63 26.88
C SER B 117 -17.16 -4.47 26.65
N ILE B 118 -16.96 -5.66 26.05
CA ILE B 118 -18.09 -6.54 25.81
C ILE B 118 -18.68 -7.04 27.14
N GLN B 119 -17.85 -7.22 28.17
CA GLN B 119 -18.36 -7.68 29.45
C GLN B 119 -19.24 -6.61 30.11
N GLN B 120 -18.87 -5.34 29.96
CA GLN B 120 -19.69 -4.27 30.50
C GLN B 120 -21.02 -4.17 29.77
N GLN B 121 -21.03 -4.42 28.47
CA GLN B 121 -22.27 -4.33 27.70
C GLN B 121 -23.21 -5.48 28.04
N ALA B 122 -22.68 -6.69 28.15
CA ALA B 122 -23.53 -7.84 28.50
C ALA B 122 -24.08 -7.69 29.91
N THR B 123 -23.36 -6.98 30.80
CA THR B 123 -23.91 -6.68 32.12
C THR B 123 -25.19 -5.85 31.99
N VAL B 124 -25.21 -4.91 31.06
CA VAL B 124 -26.41 -4.10 30.84
C VAL B 124 -27.53 -4.94 30.24
N MET B 125 -27.18 -5.81 29.29
CA MET B 125 -28.21 -6.60 28.60
C MET B 125 -28.90 -7.57 29.56
N LEU B 126 -28.14 -8.14 30.50
CA LEU B 126 -28.74 -9.05 31.47
C LEU B 126 -29.62 -8.30 32.46
N LYS B 127 -29.23 -7.09 32.85
CA LYS B 127 -30.06 -6.30 33.74
C LYS B 127 -31.37 -5.93 33.08
N ILE B 128 -31.36 -5.69 31.76
CA ILE B 128 -32.59 -5.43 31.03
C ILE B 128 -33.53 -6.62 31.13
N MET B 129 -33.00 -7.82 30.88
CA MET B 129 -33.82 -9.03 30.90
C MET B 129 -34.33 -9.32 32.30
N GLN B 130 -33.52 -9.05 33.33
CA GLN B 130 -33.95 -9.27 34.71
C GLN B 130 -35.12 -8.36 35.08
N ASP B 131 -35.09 -7.11 34.61
CA ASP B 131 -36.18 -6.18 34.90
C ASP B 131 -37.48 -6.65 34.26
N TYR B 132 -37.45 -6.95 32.96
CA TYR B 132 -38.64 -7.38 32.24
C TYR B 132 -38.95 -8.86 32.44
N ASP B 133 -38.24 -9.53 33.34
CA ASP B 133 -38.45 -10.95 33.64
C ASP B 133 -38.40 -11.80 32.38
N TRP B 134 -37.27 -11.71 31.69
CA TRP B 134 -37.00 -12.49 30.49
C TRP B 134 -35.99 -13.58 30.83
N HIS B 135 -36.43 -14.56 31.61
CA HIS B 135 -35.55 -15.63 32.06
C HIS B 135 -35.26 -16.65 30.98
N VAL B 136 -36.01 -16.63 29.88
CA VAL B 136 -35.82 -17.58 28.78
C VAL B 136 -35.28 -16.82 27.58
N PHE B 137 -34.13 -17.27 27.07
CA PHE B 137 -33.48 -16.57 25.97
C PHE B 137 -32.55 -17.53 25.24
N SER B 138 -32.25 -17.19 24.00
CA SER B 138 -31.33 -17.94 23.16
C SER B 138 -30.15 -17.07 22.78
N LEU B 139 -29.03 -17.73 22.47
CA LEU B 139 -27.78 -17.06 22.15
C LEU B 139 -27.41 -17.40 20.71
N VAL B 140 -27.30 -16.39 19.87
CA VAL B 140 -26.98 -16.53 18.45
C VAL B 140 -25.72 -15.71 18.18
N THR B 141 -24.61 -16.41 17.90
CA THR B 141 -23.35 -15.74 17.63
C THR B 141 -22.75 -16.29 16.34
N THR B 142 -21.84 -15.50 15.77
CA THR B 142 -21.01 -15.94 14.68
C THR B 142 -19.61 -16.23 15.22
N ILE B 143 -18.66 -16.48 14.31
CA ILE B 143 -17.29 -16.76 14.73
C ILE B 143 -16.50 -15.45 14.72
N PHE B 144 -17.21 -14.34 14.83
CA PHE B 144 -16.55 -13.04 14.81
C PHE B 144 -15.75 -12.85 16.09
N PRO B 145 -14.60 -12.18 16.03
CA PRO B 145 -13.78 -12.00 17.23
C PRO B 145 -14.55 -11.37 18.37
N GLY B 146 -14.44 -12.00 19.54
CA GLY B 146 -15.14 -11.56 20.74
C GLY B 146 -16.29 -12.46 21.15
N TYR B 147 -16.73 -13.37 20.28
CA TYR B 147 -17.91 -14.16 20.59
C TYR B 147 -17.65 -15.16 21.70
N ARG B 148 -16.41 -15.63 21.84
CA ARG B 148 -16.11 -16.57 22.91
C ARG B 148 -16.10 -15.85 24.26
N ASP B 149 -15.60 -14.62 24.31
CA ASP B 149 -15.71 -13.83 25.54
C ASP B 149 -17.15 -13.52 25.86
N PHE B 150 -17.98 -13.32 24.83
CA PHE B 150 -19.39 -13.01 25.03
C PHE B 150 -20.12 -14.20 25.66
N ILE B 151 -19.91 -15.39 25.11
CA ILE B 151 -20.59 -16.57 25.62
C ILE B 151 -20.13 -16.88 27.05
N SER B 152 -18.84 -16.72 27.31
CA SER B 152 -18.30 -17.04 28.63
C SER B 152 -18.91 -16.15 29.71
N PHE B 153 -18.87 -14.84 29.49
CA PHE B 153 -19.41 -13.91 30.48
C PHE B 153 -20.88 -14.16 30.73
N ILE B 154 -21.63 -14.59 29.71
CA ILE B 154 -23.05 -14.83 29.89
C ILE B 154 -23.30 -16.17 30.56
N LYS B 155 -22.54 -17.21 30.18
CA LYS B 155 -22.70 -18.51 30.83
C LYS B 155 -22.30 -18.45 32.30
N THR B 156 -21.17 -17.79 32.60
CA THR B 156 -20.72 -17.76 33.98
C THR B 156 -21.64 -16.91 34.85
N THR B 157 -22.07 -15.75 34.33
CA THR B 157 -22.95 -14.90 35.12
C THR B 157 -24.29 -15.58 35.35
N VAL B 158 -24.84 -16.23 34.33
CA VAL B 158 -26.11 -16.93 34.47
C VAL B 158 -25.97 -18.09 35.44
N ASP B 159 -24.87 -18.84 35.36
CA ASP B 159 -24.68 -19.97 36.26
C ASP B 159 -24.33 -19.54 37.67
N ASN B 160 -23.66 -18.38 37.82
CA ASN B 160 -23.29 -17.92 39.16
C ASN B 160 -24.42 -17.15 39.83
N SER B 161 -25.28 -16.48 39.06
CA SER B 161 -26.39 -15.76 39.66
C SER B 161 -27.46 -16.73 40.13
N PHE B 162 -28.46 -16.18 40.84
CA PHE B 162 -29.59 -16.96 41.34
C PHE B 162 -30.89 -16.58 40.67
N VAL B 163 -30.86 -15.78 39.60
CA VAL B 163 -32.08 -15.40 38.91
C VAL B 163 -32.78 -16.61 38.29
N GLY B 164 -32.12 -17.76 38.21
CA GLY B 164 -32.75 -18.97 37.73
C GLY B 164 -33.17 -18.89 36.28
N TRP B 165 -32.23 -18.55 35.42
CA TRP B 165 -32.52 -18.39 34.01
C TRP B 165 -32.61 -19.73 33.30
N ASP B 166 -33.25 -19.71 32.15
CA ASP B 166 -33.22 -20.80 31.19
C ASP B 166 -32.54 -20.30 29.94
N MET B 167 -31.50 -21.00 29.49
CA MET B 167 -30.72 -20.59 28.33
C MET B 167 -30.61 -21.76 27.36
N GLN B 168 -31.11 -21.57 26.15
CA GLN B 168 -30.94 -22.57 25.10
C GLN B 168 -29.46 -22.70 24.75
N ASN B 169 -29.09 -23.90 24.28
CA ASN B 169 -27.75 -24.11 23.77
C ASN B 169 -27.42 -23.08 22.70
N VAL B 170 -26.19 -22.56 22.75
CA VAL B 170 -25.81 -21.43 21.90
C VAL B 170 -25.85 -21.86 20.44
N ILE B 171 -26.53 -21.05 19.63
CA ILE B 171 -26.58 -21.27 18.19
C ILE B 171 -25.45 -20.49 17.54
N THR B 172 -24.58 -21.20 16.83
CA THR B 172 -23.38 -20.59 16.23
C THR B 172 -23.43 -20.73 14.72
N LEU B 173 -23.21 -19.61 14.03
CA LEU B 173 -23.16 -19.55 12.59
C LEU B 173 -21.71 -19.34 12.17
N ASP B 174 -21.14 -20.29 11.43
CA ASP B 174 -19.72 -20.24 11.09
C ASP B 174 -19.43 -19.26 9.95
N THR B 175 -20.18 -19.35 8.87
CA THR B 175 -20.07 -18.41 7.76
C THR B 175 -21.36 -17.64 7.70
N SER B 176 -21.27 -16.31 7.53
CA SER B 176 -22.43 -15.56 7.08
C SER B 176 -22.69 -16.07 5.67
N PHE B 177 -23.01 -15.18 4.73
CA PHE B 177 -23.28 -15.61 3.35
C PHE B 177 -23.74 -17.09 3.21
N GLU B 178 -24.42 -17.59 4.23
CA GLU B 178 -24.57 -19.03 4.41
C GLU B 178 -25.70 -19.55 3.54
N ASP B 179 -26.62 -18.65 3.19
CA ASP B 179 -27.84 -18.99 2.50
C ASP B 179 -28.62 -19.97 3.36
N ALA B 180 -28.67 -21.24 2.93
CA ALA B 180 -29.47 -22.22 3.66
C ALA B 180 -28.94 -22.47 5.06
N LYS B 181 -27.61 -22.38 5.25
CA LYS B 181 -27.03 -22.70 6.54
C LYS B 181 -27.52 -21.75 7.63
N THR B 182 -27.54 -20.43 7.34
CA THR B 182 -28.17 -19.48 8.26
C THR B 182 -29.62 -19.85 8.54
N GLN B 183 -30.36 -20.20 7.49
CA GLN B 183 -31.76 -20.57 7.66
C GLN B 183 -31.91 -21.84 8.50
N VAL B 184 -30.99 -22.78 8.36
CA VAL B 184 -31.06 -24.01 9.16
C VAL B 184 -30.73 -23.74 10.61
N GLN B 185 -29.78 -22.82 10.87
CA GLN B 185 -29.39 -22.53 12.24
C GLN B 185 -30.43 -21.65 12.94
N LEU B 186 -30.99 -20.68 12.22
CA LEU B 186 -32.01 -19.81 12.80
C LEU B 186 -33.29 -20.55 13.14
N LYS B 187 -33.55 -21.69 12.48
CA LYS B 187 -34.71 -22.49 12.82
C LYS B 187 -34.56 -23.20 14.17
N LYS B 188 -33.33 -23.36 14.65
CA LYS B 188 -33.12 -23.99 15.95
C LYS B 188 -33.57 -23.11 17.11
N ILE B 189 -33.80 -21.82 16.85
CA ILE B 189 -34.23 -20.92 17.91
C ILE B 189 -35.65 -21.29 18.33
N HIS B 190 -35.88 -21.37 19.65
CA HIS B 190 -37.20 -21.59 20.19
C HIS B 190 -37.38 -20.78 21.47
N SER B 191 -37.01 -19.49 21.41
CA SER B 191 -37.17 -18.59 22.53
C SER B 191 -37.65 -17.24 22.01
N SER B 192 -38.27 -16.48 22.91
CA SER B 192 -38.79 -15.16 22.52
C SER B 192 -37.72 -14.09 22.57
N VAL B 193 -36.77 -14.21 23.49
CA VAL B 193 -35.67 -13.26 23.61
C VAL B 193 -34.43 -13.88 22.97
N ILE B 194 -33.74 -13.10 22.14
CA ILE B 194 -32.59 -13.59 21.40
C ILE B 194 -31.46 -12.58 21.54
N LEU B 195 -30.31 -13.03 22.05
CA LEU B 195 -29.11 -12.21 22.13
C LEU B 195 -28.24 -12.54 20.93
N LEU B 196 -28.08 -11.59 20.03
CA LEU B 196 -27.31 -11.78 18.81
C LEU B 196 -25.96 -11.07 18.94
N TYR B 197 -24.88 -11.80 18.68
CA TYR B 197 -23.54 -11.23 18.67
C TYR B 197 -22.91 -11.48 17.29
N CYS B 198 -22.60 -10.39 16.59
CA CYS B 198 -21.96 -10.47 15.28
C CYS B 198 -21.57 -9.04 14.89
N SER B 199 -20.93 -8.90 13.73
CA SER B 199 -20.58 -7.58 13.25
C SER B 199 -21.78 -6.91 12.60
N LYS B 200 -21.66 -5.59 12.40
CA LYS B 200 -22.75 -4.84 11.79
C LYS B 200 -23.01 -5.30 10.36
N ASP B 201 -21.95 -5.65 9.63
CA ASP B 201 -22.13 -6.19 8.29
C ASP B 201 -22.72 -7.59 8.34
N GLU B 202 -22.36 -8.38 9.35
CA GLU B 202 -22.96 -9.71 9.50
C GLU B 202 -24.41 -9.63 9.96
N ALA B 203 -24.77 -8.59 10.73
CA ALA B 203 -26.13 -8.48 11.23
C ALA B 203 -27.12 -8.16 10.11
N VAL B 204 -26.69 -7.40 9.11
CA VAL B 204 -27.55 -7.10 7.97
C VAL B 204 -28.03 -8.38 7.31
N LEU B 205 -27.10 -9.31 7.05
CA LEU B 205 -27.46 -10.55 6.37
C LEU B 205 -28.27 -11.47 7.27
N ILE B 206 -28.01 -11.43 8.59
CA ILE B 206 -28.69 -12.35 9.50
C ILE B 206 -30.12 -11.87 9.79
N LEU B 207 -30.27 -10.58 10.09
CA LEU B 207 -31.60 -10.05 10.41
C LEU B 207 -32.50 -10.00 9.18
N SER B 208 -31.92 -9.79 8.00
CA SER B 208 -32.70 -9.90 6.77
C SER B 208 -33.15 -11.33 6.52
N GLU B 209 -32.33 -12.30 6.90
CA GLU B 209 -32.73 -13.70 6.79
C GLU B 209 -33.73 -14.08 7.87
N ALA B 210 -33.60 -13.51 9.06
CA ALA B 210 -34.55 -13.80 10.13
C ALA B 210 -35.91 -13.20 9.87
N ARG B 211 -35.96 -12.07 9.14
CA ARG B 211 -37.24 -11.44 8.82
C ARG B 211 -38.06 -12.32 7.90
N SER B 212 -37.42 -12.97 6.92
CA SER B 212 -38.15 -13.85 6.01
C SER B 212 -38.74 -15.05 6.74
N LEU B 213 -38.11 -15.48 7.83
CA LEU B 213 -38.61 -16.60 8.63
C LEU B 213 -39.60 -16.15 9.69
N GLY B 214 -40.01 -14.88 9.68
CA GLY B 214 -40.96 -14.41 10.67
C GLY B 214 -40.44 -14.43 12.08
N LEU B 215 -39.18 -14.07 12.27
CA LEU B 215 -38.57 -14.05 13.59
C LEU B 215 -38.23 -12.64 14.07
N THR B 216 -38.51 -11.61 13.26
CA THR B 216 -38.16 -10.25 13.61
C THR B 216 -39.37 -9.40 13.99
N GLY B 217 -40.57 -9.95 13.93
CA GLY B 217 -41.74 -9.21 14.36
C GLY B 217 -41.74 -8.96 15.86
N TYR B 218 -42.66 -8.09 16.28
CA TYR B 218 -42.77 -7.73 17.69
C TYR B 218 -43.08 -8.93 18.58
N ASP B 219 -43.31 -10.11 17.98
CA ASP B 219 -43.36 -11.35 18.74
C ASP B 219 -42.04 -11.62 19.46
N PHE B 220 -40.93 -11.21 18.88
CA PHE B 220 -39.60 -11.50 19.40
C PHE B 220 -38.91 -10.23 19.92
N PHE B 221 -37.85 -10.46 20.71
CA PHE B 221 -37.04 -9.39 21.29
C PHE B 221 -35.58 -9.68 20.95
N TRP B 222 -35.00 -8.89 20.05
CA TRP B 222 -33.61 -9.04 19.64
C TRP B 222 -32.78 -7.98 20.38
N ILE B 223 -31.78 -8.45 21.13
CA ILE B 223 -30.89 -7.57 21.87
C ILE B 223 -29.49 -7.76 21.33
N VAL B 224 -28.87 -6.68 20.85
CA VAL B 224 -27.55 -6.74 20.24
C VAL B 224 -26.60 -5.75 20.92
N PRO B 225 -25.30 -6.08 21.04
CA PRO B 225 -24.36 -5.13 21.62
C PRO B 225 -24.05 -3.98 20.67
N SER B 226 -23.15 -3.08 21.08
CA SER B 226 -22.87 -1.92 20.25
C SER B 226 -22.13 -2.28 18.97
N LEU B 227 -21.57 -3.48 18.89
CA LEU B 227 -20.94 -3.92 17.64
C LEU B 227 -21.93 -3.94 16.49
N VAL B 228 -23.19 -4.29 16.77
CA VAL B 228 -24.21 -4.37 15.73
C VAL B 228 -24.79 -3.00 15.43
N SER B 229 -25.08 -2.21 16.45
CA SER B 229 -25.64 -0.88 16.22
C SER B 229 -24.61 0.05 15.60
N GLY B 230 -23.41 0.09 16.19
CA GLY B 230 -22.36 0.93 15.62
C GLY B 230 -22.72 2.40 15.72
N ASN B 231 -22.47 3.12 14.64
CA ASN B 231 -22.81 4.52 14.56
C ASN B 231 -24.33 4.69 14.56
N THR B 232 -24.85 5.43 15.54
CA THR B 232 -26.30 5.58 15.69
C THR B 232 -26.94 6.37 14.55
N GLU B 233 -26.15 6.99 13.68
CA GLU B 233 -26.69 7.76 12.56
C GLU B 233 -26.81 6.95 11.27
N LEU B 234 -26.29 5.72 11.24
CA LEU B 234 -26.36 4.87 10.06
C LEU B 234 -27.18 3.63 10.41
N ILE B 235 -28.41 3.58 9.91
CA ILE B 235 -29.33 2.49 10.22
C ILE B 235 -29.62 1.74 8.92
N PRO B 236 -29.15 0.50 8.78
CA PRO B 236 -29.47 -0.27 7.58
C PRO B 236 -30.95 -0.59 7.49
N LYS B 237 -31.43 -0.76 6.26
CA LYS B 237 -32.83 -1.08 6.02
C LYS B 237 -33.22 -2.48 6.49
N GLU B 238 -32.24 -3.35 6.76
CA GLU B 238 -32.52 -4.72 7.18
C GLU B 238 -32.72 -4.84 8.69
N PHE B 239 -32.43 -3.80 9.45
CA PHE B 239 -32.67 -3.86 10.90
C PHE B 239 -34.16 -3.79 11.16
N PRO B 240 -34.72 -4.71 11.96
CA PRO B 240 -36.15 -4.70 12.21
C PRO B 240 -36.55 -3.63 13.22
N SER B 241 -37.81 -3.22 13.12
CA SER B 241 -38.40 -2.31 14.10
C SER B 241 -38.52 -3.02 15.45
N GLY B 242 -38.14 -2.31 16.52
CA GLY B 242 -38.12 -2.92 17.83
C GLY B 242 -36.83 -3.60 18.19
N LEU B 243 -35.72 -3.22 17.57
CA LEU B 243 -34.43 -3.80 17.88
C LEU B 243 -33.82 -3.10 19.09
N ILE B 244 -33.44 -3.88 20.10
CA ILE B 244 -32.88 -3.36 21.34
C ILE B 244 -31.36 -3.44 21.26
N SER B 245 -30.69 -2.35 21.64
CA SER B 245 -29.24 -2.32 21.59
C SER B 245 -28.68 -1.57 22.79
N VAL B 246 -27.55 -2.04 23.29
CA VAL B 246 -26.78 -1.36 24.33
C VAL B 246 -25.55 -0.79 23.66
N SER B 247 -25.46 0.52 23.59
CA SER B 247 -24.32 1.16 22.94
C SER B 247 -23.83 2.33 23.79
N TYR B 248 -22.58 2.72 23.54
CA TYR B 248 -22.02 3.91 24.17
C TYR B 248 -22.00 5.10 23.23
N ASP B 249 -22.73 5.02 22.11
CA ASP B 249 -22.96 6.19 21.26
C ASP B 249 -24.17 6.94 21.82
N ASP B 250 -23.94 7.65 22.91
CA ASP B 250 -24.96 8.54 23.46
C ASP B 250 -25.14 9.73 22.52
N TRP B 251 -26.38 9.99 22.11
CA TRP B 251 -26.66 11.21 21.38
C TRP B 251 -26.58 12.42 22.30
N ASP B 252 -26.94 12.25 23.58
CA ASP B 252 -26.90 13.35 24.53
C ASP B 252 -25.47 13.75 24.89
N TYR B 253 -24.53 12.82 24.82
CA TYR B 253 -23.11 13.11 25.02
C TYR B 253 -22.62 13.87 23.79
N SER B 254 -22.44 15.19 23.94
CA SER B 254 -22.12 16.03 22.80
C SER B 254 -20.66 15.86 22.39
N LEU B 255 -20.40 16.09 21.11
CA LEU B 255 -19.02 16.13 20.63
C LEU B 255 -18.23 17.21 21.35
N GLU B 256 -18.85 18.36 21.58
CA GLU B 256 -18.17 19.42 22.35
C GLU B 256 -17.85 18.95 23.75
N ALA B 257 -18.74 18.18 24.37
CA ALA B 257 -18.47 17.66 25.71
C ALA B 257 -17.42 16.55 25.66
N ARG B 258 -17.46 15.71 24.62
CA ARG B 258 -16.50 14.63 24.52
C ARG B 258 -15.07 15.16 24.36
N VAL B 259 -14.88 16.12 23.44
CA VAL B 259 -13.54 16.67 23.25
C VAL B 259 -13.09 17.43 24.50
N ARG B 260 -14.04 18.00 25.25
CA ARG B 260 -13.69 18.63 26.51
C ARG B 260 -13.16 17.60 27.50
N ASP B 261 -13.79 16.43 27.54
CA ASP B 261 -13.26 15.35 28.37
C ASP B 261 -11.92 14.87 27.86
N GLY B 262 -11.74 14.84 26.54
CA GLY B 262 -10.44 14.49 25.99
C GLY B 262 -9.36 15.47 26.37
N LEU B 263 -9.65 16.76 26.26
CA LEU B 263 -8.69 17.78 26.67
C LEU B 263 -8.46 17.74 28.18
N GLY B 264 -9.52 17.53 28.95
CA GLY B 264 -9.37 17.48 30.40
C GLY B 264 -8.50 16.33 30.88
N ILE B 265 -8.54 15.20 30.16
CA ILE B 265 -7.69 14.07 30.54
C ILE B 265 -6.22 14.38 30.25
N LEU B 266 -5.94 14.99 29.10
CA LEU B 266 -4.55 15.23 28.71
C LEU B 266 -3.93 16.35 29.55
N THR B 267 -4.66 17.44 29.78
CA THR B 267 -4.13 18.54 30.55
C THR B 267 -3.88 18.13 32.01
N THR B 268 -4.78 17.32 32.57
CA THR B 268 -4.56 16.81 33.92
C THR B 268 -3.34 15.91 33.97
N ALA B 269 -3.17 15.03 32.97
CA ALA B 269 -2.00 14.18 32.93
C ALA B 269 -0.74 14.99 32.62
N ALA B 270 -0.89 16.15 31.98
CA ALA B 270 0.26 16.99 31.68
C ALA B 270 0.78 17.67 32.94
N SER B 271 -0.11 18.34 33.69
CA SER B 271 0.29 19.00 34.92
C SER B 271 0.74 18.00 35.97
N SER B 272 0.11 16.82 36.02
CA SER B 272 0.58 15.79 36.94
C SER B 272 1.97 15.31 36.58
N MET B 273 2.25 15.18 35.28
CA MET B 273 3.60 14.86 34.84
C MET B 273 4.54 16.05 35.00
N LEU B 274 4.00 17.28 35.01
CA LEU B 274 4.81 18.46 35.29
C LEU B 274 5.11 18.63 36.78
N GLU B 275 4.44 17.86 37.65
CA GLU B 275 4.71 17.88 39.09
C GLU B 275 5.68 16.79 39.52
N LYS B 276 5.57 15.59 38.96
CA LYS B 276 6.52 14.53 39.28
C LYS B 276 7.84 14.72 38.54
N PHE B 277 7.77 15.10 37.26
CA PHE B 277 8.94 15.44 36.48
C PHE B 277 8.93 16.94 36.18
N SER B 278 10.11 17.51 35.98
CA SER B 278 10.24 18.94 35.75
C SER B 278 10.06 19.34 34.30
N TYR B 279 9.69 18.40 33.43
CA TYR B 279 9.56 18.69 32.01
C TYR B 279 8.39 17.91 31.43
N ILE B 280 7.94 18.35 30.26
CA ILE B 280 6.92 17.67 29.47
C ILE B 280 7.62 17.05 28.26
N PRO B 281 7.36 15.78 27.95
CA PRO B 281 8.07 15.13 26.83
C PRO B 281 7.86 15.88 25.52
N GLU B 282 8.96 16.33 24.94
CA GLU B 282 8.91 17.01 23.65
C GLU B 282 8.44 16.03 22.58
N ALA B 283 7.68 16.54 21.61
CA ALA B 283 7.19 15.70 20.54
C ALA B 283 8.34 15.14 19.72
N LYS B 284 8.12 13.97 19.14
CA LYS B 284 9.11 13.35 18.28
C LYS B 284 9.45 14.27 17.10
N ALA B 285 10.66 14.08 16.56
CA ALA B 285 11.12 14.92 15.46
C ALA B 285 10.27 14.71 14.21
N SER B 286 10.30 13.49 13.66
CA SER B 286 9.61 13.20 12.42
C SER B 286 9.22 11.73 12.38
N CYS B 287 8.22 11.43 11.53
CA CYS B 287 7.84 10.04 11.30
C CYS B 287 8.80 9.33 10.35
N TYR B 288 9.43 10.07 9.44
CA TYR B 288 10.24 9.50 8.38
C TYR B 288 11.68 10.02 8.50
N GLY B 289 12.61 9.24 7.95
CA GLY B 289 13.98 9.68 7.73
C GLY B 289 15.03 8.89 8.49
N GLN B 290 14.67 8.30 9.63
CA GLN B 290 15.65 7.62 10.46
C GLN B 290 15.05 6.48 11.27
N THR B 296 13.48 7.43 21.48
CA THR B 296 12.48 6.95 22.44
C THR B 296 12.37 7.90 23.63
N PRO B 297 11.17 8.00 24.20
CA PRO B 297 10.98 8.88 25.36
C PRO B 297 11.34 8.17 26.66
N LEU B 298 11.84 8.96 27.61
CA LEU B 298 12.17 8.42 28.92
C LEU B 298 10.93 8.28 29.79
N HIS B 299 10.01 9.23 29.69
CA HIS B 299 8.76 9.19 30.46
C HIS B 299 7.61 9.62 29.56
N THR B 300 6.46 8.98 29.74
CA THR B 300 5.26 9.31 29.01
C THR B 300 4.11 9.54 29.99
N LEU B 301 2.98 10.00 29.45
CA LEU B 301 1.79 10.27 30.24
C LEU B 301 0.96 9.02 30.51
N HIS B 302 1.54 7.83 30.29
CA HIS B 302 0.75 6.60 30.42
C HIS B 302 0.22 6.43 31.83
N GLN B 303 1.08 6.57 32.84
CA GLN B 303 0.66 6.41 34.22
C GLN B 303 -0.12 7.62 34.75
N PHE B 304 -0.18 8.73 34.00
CA PHE B 304 -0.82 9.93 34.48
C PHE B 304 -2.25 10.12 33.98
N MET B 305 -2.62 9.47 32.87
CA MET B 305 -3.97 9.57 32.33
C MET B 305 -4.76 8.28 32.51
N VAL B 306 -4.23 7.31 33.24
CA VAL B 306 -5.00 6.10 33.53
C VAL B 306 -6.12 6.40 34.53
N ASN B 307 -5.81 7.21 35.55
CA ASN B 307 -6.82 7.67 36.52
C ASN B 307 -6.87 9.19 36.48
N VAL B 308 -8.00 9.73 36.04
CA VAL B 308 -8.17 11.18 35.93
C VAL B 308 -9.65 11.50 36.09
N THR B 309 -9.96 12.43 36.98
CA THR B 309 -11.33 12.88 37.21
C THR B 309 -11.50 14.29 36.65
N TRP B 310 -12.61 14.53 35.98
CA TRP B 310 -12.88 15.81 35.34
C TRP B 310 -14.36 16.14 35.47
N ASP B 311 -14.67 17.22 36.17
CA ASP B 311 -16.03 17.71 36.35
C ASP B 311 -16.93 16.65 37.00
N GLY B 312 -16.41 16.03 38.05
CA GLY B 312 -17.18 15.04 38.79
C GLY B 312 -17.51 13.79 38.02
N LYS B 313 -16.76 13.48 36.96
CA LYS B 313 -16.97 12.29 36.15
C LYS B 313 -15.69 11.47 36.13
N ASP B 314 -15.81 10.19 36.48
CA ASP B 314 -14.65 9.29 36.47
C ASP B 314 -14.31 8.93 35.03
N LEU B 315 -13.14 9.38 34.56
CA LEU B 315 -12.68 9.11 33.22
C LEU B 315 -11.50 8.14 33.20
N SER B 316 -11.45 7.24 34.17
CA SER B 316 -10.35 6.30 34.26
C SER B 316 -10.39 5.30 33.12
N PHE B 317 -9.22 4.80 32.74
CA PHE B 317 -9.09 3.79 31.70
C PHE B 317 -8.52 2.51 32.28
N THR B 318 -8.90 1.38 31.68
CA THR B 318 -8.28 0.11 32.03
C THR B 318 -6.98 -0.06 31.24
N GLU B 319 -6.16 -1.01 31.70
CA GLU B 319 -4.93 -1.32 30.98
C GLU B 319 -5.21 -1.85 29.58
N GLU B 320 -6.40 -2.38 29.35
CA GLU B 320 -6.76 -2.87 28.02
C GLU B 320 -7.15 -1.75 27.06
N GLY B 321 -7.53 -0.58 27.56
CA GLY B 321 -7.76 0.56 26.70
C GLY B 321 -9.09 1.26 26.85
N TYR B 322 -10.12 0.55 27.31
CA TYR B 322 -11.46 1.10 27.41
C TYR B 322 -11.68 1.80 28.74
N GLN B 323 -12.84 2.42 28.88
CA GLN B 323 -13.18 3.17 30.07
C GLN B 323 -13.64 2.24 31.20
N VAL B 324 -13.44 2.69 32.43
CA VAL B 324 -13.91 1.93 33.58
C VAL B 324 -15.39 2.21 33.86
N HIS B 325 -15.82 3.46 33.66
CA HIS B 325 -17.19 3.88 33.86
C HIS B 325 -17.71 4.53 32.59
N PRO B 326 -17.95 3.74 31.54
CA PRO B 326 -18.46 4.30 30.29
C PRO B 326 -19.95 4.59 30.37
N ARG B 327 -20.40 5.46 29.47
CA ARG B 327 -21.79 5.89 29.42
C ARG B 327 -22.58 4.92 28.54
N LEU B 328 -22.97 3.80 29.14
CA LEU B 328 -23.85 2.88 28.44
C LEU B 328 -25.25 3.45 28.33
N VAL B 329 -25.92 3.14 27.23
CA VAL B 329 -27.27 3.61 26.96
C VAL B 329 -28.02 2.51 26.22
N VAL B 330 -29.22 2.21 26.68
CA VAL B 330 -30.09 1.26 25.99
C VAL B 330 -30.91 2.03 24.96
N ILE B 331 -30.85 1.59 23.71
CA ILE B 331 -31.53 2.26 22.61
C ILE B 331 -32.45 1.27 21.93
N VAL B 332 -33.55 1.79 21.37
CA VAL B 332 -34.51 0.99 20.62
C VAL B 332 -34.71 1.61 19.25
N LEU B 333 -35.09 0.77 18.30
CA LEU B 333 -35.31 1.18 16.92
C LEU B 333 -36.82 1.21 16.68
N ASN B 334 -37.37 2.41 16.53
CA ASN B 334 -38.80 2.56 16.31
C ASN B 334 -39.14 2.44 14.82
N LYS B 335 -40.44 2.42 14.53
CA LYS B 335 -40.90 2.27 13.15
C LYS B 335 -40.48 3.44 12.26
N ASP B 336 -40.17 4.59 12.85
CA ASP B 336 -39.68 5.74 12.10
C ASP B 336 -38.20 5.63 11.74
N ARG B 337 -37.58 4.47 11.99
CA ARG B 337 -36.19 4.21 11.63
C ARG B 337 -35.24 5.19 12.33
N GLU B 338 -35.48 5.39 13.62
CA GLU B 338 -34.63 6.22 14.46
C GLU B 338 -34.34 5.47 15.76
N TRP B 339 -33.12 5.60 16.27
CA TRP B 339 -32.79 5.04 17.56
C TRP B 339 -33.32 5.95 18.66
N GLU B 340 -34.08 5.39 19.58
CA GLU B 340 -34.67 6.14 20.69
C GLU B 340 -33.97 5.72 21.98
N LYS B 341 -33.38 6.69 22.67
CA LYS B 341 -32.77 6.42 23.96
C LYS B 341 -33.87 6.04 24.96
N VAL B 342 -33.87 4.78 25.38
CA VAL B 342 -34.91 4.28 26.27
C VAL B 342 -34.40 3.98 27.67
N GLY B 343 -33.09 3.90 27.87
CA GLY B 343 -32.55 3.60 29.18
C GLY B 343 -31.14 4.13 29.32
N LYS B 344 -30.68 4.15 30.56
CA LYS B 344 -29.33 4.59 30.91
C LYS B 344 -28.83 3.73 32.05
N TRP B 345 -27.60 3.23 31.92
CA TRP B 345 -26.98 2.45 32.97
C TRP B 345 -25.98 3.25 33.80
N GLU B 346 -25.59 4.43 33.32
CA GLU B 346 -24.35 5.06 33.74
C GLU B 346 -24.30 5.44 35.22
N ASN B 347 -25.44 5.59 35.89
CA ASN B 347 -25.48 6.17 37.23
C ASN B 347 -25.48 5.10 38.30
N GLN B 348 -24.50 5.15 39.19
CA GLN B 348 -24.47 4.36 40.43
C GLN B 348 -24.66 2.86 40.17
N THR B 349 -24.09 2.39 39.07
CA THR B 349 -24.04 0.95 38.74
C THR B 349 -25.45 0.34 38.72
N LEU B 350 -26.31 0.91 37.87
CA LEU B 350 -27.68 0.43 37.76
C LEU B 350 -28.29 0.95 36.47
N SER B 351 -29.20 0.14 35.92
CA SER B 351 -29.90 0.48 34.67
C SER B 351 -31.25 1.10 35.02
N LEU B 352 -31.46 2.34 34.58
CA LEU B 352 -32.70 3.08 34.79
C LEU B 352 -33.44 3.15 33.45
N ARG B 353 -34.42 2.26 33.27
CA ARG B 353 -35.19 2.18 32.03
C ARG B 353 -36.48 3.00 32.16
N HIS B 354 -37.39 2.78 31.21
CA HIS B 354 -38.72 3.41 31.19
C HIS B 354 -38.64 4.93 30.97
N ALA B 355 -37.63 5.38 30.22
CA ALA B 355 -37.50 6.79 29.90
C ALA B 355 -38.65 7.27 29.00
N GLU C 1 -2.07 13.61 -8.35
CA GLU C 1 -1.57 12.92 -7.16
C GLU C 1 -0.05 12.81 -7.16
N VAL C 2 0.48 11.75 -7.76
CA VAL C 2 1.92 11.52 -7.82
C VAL C 2 2.50 12.28 -9.01
N LYS C 3 3.45 13.17 -8.75
CA LYS C 3 3.98 14.04 -9.79
C LYS C 3 5.46 14.30 -9.53
N LEU C 4 6.17 14.66 -10.61
CA LEU C 4 7.56 15.09 -10.55
C LEU C 4 7.71 16.31 -11.44
N VAL C 5 7.91 17.47 -10.84
CA VAL C 5 8.02 18.73 -11.58
C VAL C 5 9.45 19.23 -11.45
N GLU C 6 10.14 19.30 -12.59
CA GLU C 6 11.53 19.76 -12.61
C GLU C 6 11.61 21.26 -12.87
N SER C 7 12.79 21.81 -12.62
CA SER C 7 13.01 23.23 -12.86
C SER C 7 13.05 23.53 -14.35
N GLY C 8 13.01 24.81 -14.68
CA GLY C 8 12.93 25.26 -16.05
C GLY C 8 14.22 25.07 -16.82
N PRO C 9 14.17 25.34 -18.13
CA PRO C 9 15.39 25.19 -18.95
C PRO C 9 16.42 26.25 -18.63
N GLU C 10 17.68 25.88 -18.82
CA GLU C 10 18.81 26.71 -18.44
C GLU C 10 19.71 26.98 -19.64
N LEU C 11 20.47 28.07 -19.55
CA LEU C 11 21.46 28.43 -20.54
C LEU C 11 22.72 28.87 -19.81
N LYS C 12 23.81 28.13 -20.02
CA LYS C 12 25.07 28.41 -19.33
C LYS C 12 26.23 28.31 -20.32
N LYS C 13 27.23 29.15 -20.11
CA LYS C 13 28.44 29.11 -20.93
C LYS C 13 29.34 27.97 -20.48
N PRO C 14 30.21 27.47 -21.37
CA PRO C 14 31.09 26.37 -20.99
C PRO C 14 31.96 26.73 -19.79
N GLY C 15 31.94 25.86 -18.79
CA GLY C 15 32.75 26.03 -17.60
C GLY C 15 32.02 26.48 -16.35
N GLU C 16 30.69 26.57 -16.37
CA GLU C 16 29.94 27.04 -15.22
C GLU C 16 29.38 25.86 -14.44
N THR C 17 28.40 26.13 -13.58
CA THR C 17 27.74 25.10 -12.77
C THR C 17 26.26 25.39 -12.73
N VAL C 18 25.45 24.33 -12.81
CA VAL C 18 24.00 24.45 -12.82
C VAL C 18 23.42 23.45 -11.82
N LYS C 19 22.25 23.78 -11.28
CA LYS C 19 21.56 22.94 -10.31
C LYS C 19 20.13 22.73 -10.79
N ILE C 20 19.78 21.48 -11.08
CA ILE C 20 18.45 21.12 -11.55
C ILE C 20 17.68 20.50 -10.39
N SER C 21 16.48 21.02 -10.12
CA SER C 21 15.64 20.52 -9.05
C SER C 21 14.59 19.55 -9.59
N CYS C 22 14.13 18.65 -8.71
CA CYS C 22 13.10 17.66 -9.04
C CYS C 22 12.19 17.55 -7.82
N LYS C 23 11.05 18.23 -7.87
CA LYS C 23 10.13 18.30 -6.75
C LYS C 23 9.11 17.18 -6.85
N ALA C 24 9.10 16.30 -5.86
CA ALA C 24 8.23 15.14 -5.84
C ALA C 24 6.94 15.44 -5.07
N SER C 25 5.87 14.75 -5.43
CA SER C 25 4.59 14.97 -4.78
C SER C 25 3.76 13.70 -4.82
N GLY C 26 2.89 13.55 -3.82
CA GLY C 26 1.89 12.51 -3.84
C GLY C 26 2.33 11.16 -3.32
N PHE C 27 3.58 11.01 -2.90
CA PHE C 27 4.03 9.74 -2.35
C PHE C 27 4.96 10.01 -1.18
N THR C 28 5.28 8.94 -0.45
CA THR C 28 6.13 9.04 0.73
C THR C 28 7.59 9.14 0.28
N PHE C 29 8.17 10.33 0.38
CA PHE C 29 9.60 10.47 0.19
C PHE C 29 10.33 9.59 1.21
N THR C 30 11.57 9.22 0.87
CA THR C 30 12.43 8.31 1.62
C THR C 30 11.95 6.86 1.54
N ASN C 31 10.94 6.58 0.72
CA ASN C 31 10.53 5.21 0.43
C ASN C 31 10.99 4.74 -0.95
N TYR C 32 11.57 5.62 -1.76
CA TYR C 32 11.96 5.29 -3.12
C TYR C 32 13.36 5.83 -3.37
N GLY C 33 13.89 5.55 -4.56
CA GLY C 33 15.14 6.15 -4.99
C GLY C 33 14.92 7.12 -6.13
N MET C 34 15.86 8.03 -6.35
CA MET C 34 15.79 8.99 -7.45
C MET C 34 16.85 8.66 -8.47
N ASN C 35 16.43 8.37 -9.70
CA ASN C 35 17.32 8.13 -10.82
C ASN C 35 17.39 9.38 -11.69
N TRP C 36 18.55 9.62 -12.27
CA TRP C 36 18.78 10.73 -13.19
C TRP C 36 19.18 10.16 -14.54
N VAL C 37 18.42 10.50 -15.58
CA VAL C 37 18.63 9.98 -16.93
C VAL C 37 18.88 11.15 -17.87
N LYS C 38 19.89 11.00 -18.73
CA LYS C 38 20.26 12.01 -19.71
C LYS C 38 19.82 11.56 -21.10
N GLN C 39 19.35 12.53 -21.90
CA GLN C 39 18.92 12.26 -23.28
C GLN C 39 19.38 13.41 -24.16
N ALA C 40 20.37 13.15 -25.01
CA ALA C 40 20.80 14.14 -25.98
C ALA C 40 19.75 14.29 -27.07
N PRO C 41 19.70 15.46 -27.74
CA PRO C 41 18.69 15.67 -28.80
C PRO C 41 18.65 14.56 -29.83
N GLY C 42 17.56 13.79 -29.82
CA GLY C 42 17.40 12.67 -30.74
C GLY C 42 18.46 11.60 -30.62
N LYS C 43 19.12 11.48 -29.47
CA LYS C 43 20.25 10.57 -29.30
C LYS C 43 20.05 9.66 -28.08
N GLY C 44 18.91 8.98 -28.04
CA GLY C 44 18.69 7.89 -27.09
C GLY C 44 18.70 8.24 -25.61
N LEU C 45 18.53 7.22 -24.78
CA LEU C 45 18.41 7.37 -23.34
C LEU C 45 19.64 6.79 -22.65
N LYS C 46 20.24 7.56 -21.74
CA LYS C 46 21.47 7.17 -21.06
C LYS C 46 21.34 7.39 -19.56
N TRP C 47 21.79 6.42 -18.78
CA TRP C 47 21.62 6.43 -17.34
C TRP C 47 22.81 7.08 -16.68
N MET C 48 22.56 8.02 -15.77
CA MET C 48 23.61 8.76 -15.08
C MET C 48 23.92 8.22 -13.70
N GLY C 49 22.94 7.63 -13.03
CA GLY C 49 23.12 7.19 -11.66
C GLY C 49 21.81 7.34 -10.91
N TRP C 50 21.87 7.00 -9.62
CA TRP C 50 20.70 7.11 -8.76
C TRP C 50 21.16 7.47 -7.36
N ILE C 51 20.20 7.84 -6.53
CA ILE C 51 20.48 8.23 -5.15
C ILE C 51 19.39 7.64 -4.26
N ASN C 52 19.80 6.91 -3.24
CA ASN C 52 18.86 6.46 -2.22
C ASN C 52 18.33 7.68 -1.46
N ILE C 53 17.02 7.71 -1.25
CA ILE C 53 16.43 8.87 -0.60
C ILE C 53 16.35 8.70 0.91
N TYR C 54 16.16 7.47 1.40
CA TYR C 54 16.20 7.24 2.83
C TYR C 54 17.58 7.53 3.39
N THR C 55 18.60 6.90 2.83
CA THR C 55 19.99 7.23 3.07
C THR C 55 20.50 8.00 1.86
N GLY C 56 20.92 9.24 2.05
CA GLY C 56 21.34 10.04 0.92
C GLY C 56 22.62 9.58 0.24
N GLU C 57 22.70 8.29 -0.08
CA GLU C 57 23.89 7.70 -0.66
C GLU C 57 23.77 7.68 -2.18
N PRO C 58 24.53 8.49 -2.89
CA PRO C 58 24.47 8.46 -4.35
C PRO C 58 25.30 7.33 -4.94
N THR C 59 24.99 6.98 -6.18
CA THR C 59 25.70 5.94 -6.92
C THR C 59 25.83 6.43 -8.36
N TYR C 60 27.00 6.94 -8.70
CA TYR C 60 27.25 7.50 -10.02
C TYR C 60 27.81 6.44 -10.97
N ALA C 61 27.43 6.55 -12.23
CA ALA C 61 27.96 5.66 -13.26
C ALA C 61 29.37 6.11 -13.67
N ASP C 62 30.04 5.25 -14.42
CA ASP C 62 31.43 5.52 -14.78
C ASP C 62 31.55 6.75 -15.66
N ASP C 63 30.64 6.90 -16.63
CA ASP C 63 30.72 8.02 -17.56
C ASP C 63 30.33 9.34 -16.92
N PHE C 64 29.69 9.33 -15.76
CA PHE C 64 29.17 10.54 -15.14
C PHE C 64 29.77 10.78 -13.76
N LYS C 65 31.00 10.30 -13.54
CA LYS C 65 31.70 10.51 -12.28
C LYS C 65 32.63 11.71 -12.41
N GLY C 66 32.69 12.51 -11.34
CA GLY C 66 33.62 13.62 -11.31
C GLY C 66 32.96 14.99 -11.34
N ARG C 67 32.08 15.22 -12.31
CA ARG C 67 31.44 16.52 -12.47
C ARG C 67 29.96 16.52 -12.12
N PHE C 68 29.42 15.40 -11.66
CA PHE C 68 28.00 15.27 -11.35
C PHE C 68 27.84 14.91 -9.88
N ALA C 69 26.95 15.62 -9.19
CA ALA C 69 26.70 15.39 -7.78
C ALA C 69 25.19 15.32 -7.55
N PHE C 70 24.75 14.24 -6.91
CA PHE C 70 23.36 14.08 -6.52
C PHE C 70 23.17 14.62 -5.11
N SER C 71 22.06 15.33 -4.91
CA SER C 71 21.77 15.96 -3.63
C SER C 71 20.26 15.91 -3.43
N LEU C 72 19.82 16.23 -2.21
CA LEU C 72 18.39 16.26 -1.96
C LEU C 72 18.12 17.07 -0.69
N GLU C 73 16.85 17.42 -0.50
CA GLU C 73 16.41 18.20 0.66
C GLU C 73 15.61 17.41 1.69
N THR C 74 14.76 16.45 1.27
CA THR C 74 13.95 15.58 2.15
C THR C 74 12.90 16.30 3.00
N SER C 75 13.04 17.59 3.20
CA SER C 75 12.00 18.37 3.84
C SER C 75 11.07 19.01 2.83
N ALA C 76 11.64 19.51 1.73
CA ALA C 76 10.90 20.01 0.58
C ALA C 76 10.62 18.92 -0.46
N SER C 77 11.04 17.69 -0.21
CA SER C 77 10.82 16.56 -1.11
C SER C 77 11.38 16.86 -2.49
N THR C 78 12.63 17.29 -2.54
CA THR C 78 13.27 17.74 -3.77
C THR C 78 14.61 17.02 -3.94
N ALA C 79 14.83 16.49 -5.13
CA ALA C 79 16.10 15.88 -5.52
C ALA C 79 16.81 16.83 -6.47
N TYR C 80 18.12 16.94 -6.32
CA TYR C 80 18.93 17.89 -7.06
C TYR C 80 19.93 17.17 -7.94
N LEU C 81 20.29 17.81 -9.05
CA LEU C 81 21.33 17.33 -9.96
C LEU C 81 22.22 18.50 -10.30
N GLN C 82 23.45 18.50 -9.78
CA GLN C 82 24.39 19.59 -9.99
C GLN C 82 25.51 19.10 -10.92
N ILE C 83 25.83 19.93 -11.92
CA ILE C 83 26.86 19.62 -12.90
C ILE C 83 27.87 20.76 -12.92
N ASN C 84 29.12 20.45 -12.61
CA ASN C 84 30.20 21.43 -12.61
C ASN C 84 31.06 21.28 -13.86
N ASN C 85 31.78 22.37 -14.18
CA ASN C 85 32.66 22.42 -15.34
C ASN C 85 31.94 21.96 -16.61
N LEU C 86 31.00 22.81 -17.04
CA LEU C 86 30.11 22.44 -18.13
C LEU C 86 30.86 22.40 -19.46
N LYS C 87 30.65 21.32 -20.20
CA LYS C 87 31.23 21.14 -21.52
C LYS C 87 30.12 21.15 -22.57
N ASN C 88 30.52 21.18 -23.84
CA ASN C 88 29.55 21.19 -24.92
C ASN C 88 28.78 19.88 -25.05
N GLU C 89 29.34 18.79 -24.53
CA GLU C 89 28.66 17.49 -24.60
C GLU C 89 27.54 17.35 -23.57
N ASP C 90 27.37 18.32 -22.69
CA ASP C 90 26.35 18.28 -21.65
C ASP C 90 25.01 18.83 -22.10
N THR C 91 24.92 19.39 -23.30
CA THR C 91 23.65 19.93 -23.80
C THR C 91 22.71 18.76 -24.08
N ALA C 92 21.73 18.58 -23.20
CA ALA C 92 20.76 17.50 -23.32
C ALA C 92 19.58 17.80 -22.41
N THR C 93 18.58 16.92 -22.47
CA THR C 93 17.45 16.96 -21.56
C THR C 93 17.70 15.96 -20.42
N TYR C 94 17.59 16.44 -19.19
CA TYR C 94 17.89 15.64 -18.01
C TYR C 94 16.59 15.34 -17.28
N PHE C 95 16.22 14.06 -17.23
CA PHE C 95 15.03 13.61 -16.53
C PHE C 95 15.40 13.11 -15.14
N CYS C 96 14.48 13.29 -14.20
CA CYS C 96 14.52 12.57 -12.93
C CYS C 96 13.42 11.51 -12.97
N ALA C 97 13.75 10.30 -12.54
CA ALA C 97 12.80 9.21 -12.53
C ALA C 97 12.81 8.54 -11.16
N ARG C 98 11.63 8.28 -10.62
CA ARG C 98 11.52 7.65 -9.31
C ARG C 98 11.86 6.17 -9.44
N GLY C 99 12.72 5.68 -8.54
CA GLY C 99 13.04 4.27 -8.53
C GLY C 99 12.10 3.48 -7.65
N TYR C 100 11.27 2.64 -8.26
CA TYR C 100 10.37 1.80 -7.49
C TYR C 100 11.17 0.91 -6.56
N ASP C 101 10.58 0.59 -5.41
CA ASP C 101 11.36 0.00 -4.32
C ASP C 101 12.51 0.98 -4.09
N TYR C 102 13.73 0.52 -3.96
CA TYR C 102 14.90 1.25 -4.40
C TYR C 102 15.57 0.32 -5.39
N GLU C 103 16.19 0.87 -6.43
CA GLU C 103 16.83 0.10 -7.51
C GLU C 103 15.84 -0.63 -8.40
N GLY C 104 14.53 -0.37 -8.29
CA GLY C 104 13.54 -0.97 -9.17
C GLY C 104 13.41 -0.18 -10.46
N TYR C 105 12.34 -0.49 -11.19
CA TYR C 105 12.06 0.23 -12.42
C TYR C 105 11.72 1.69 -12.12
N PHE C 106 11.74 2.50 -13.17
CA PHE C 106 11.45 3.93 -13.08
C PHE C 106 9.99 4.10 -13.44
N ASP C 107 9.12 4.15 -12.44
CA ASP C 107 7.68 4.17 -12.69
C ASP C 107 7.10 5.57 -12.81
N TYR C 108 7.85 6.61 -12.49
CA TYR C 108 7.38 7.98 -12.63
C TYR C 108 8.54 8.89 -13.02
N TRP C 109 8.35 9.63 -14.11
CA TRP C 109 9.37 10.53 -14.63
C TRP C 109 8.91 11.98 -14.51
N GLY C 110 9.89 12.88 -14.44
CA GLY C 110 9.61 14.28 -14.56
C GLY C 110 9.44 14.69 -16.01
N GLN C 111 9.08 15.97 -16.21
CA GLN C 111 8.90 16.48 -17.56
C GLN C 111 10.23 16.71 -18.25
N GLY C 112 11.32 16.77 -17.50
CA GLY C 112 12.64 16.94 -18.06
C GLY C 112 13.09 18.40 -18.04
N THR C 113 14.39 18.60 -17.91
CA THR C 113 14.99 19.93 -17.94
C THR C 113 15.94 20.00 -19.12
N THR C 114 15.73 20.98 -20.00
CA THR C 114 16.57 21.16 -21.17
C THR C 114 17.74 22.07 -20.78
N LEU C 115 18.96 21.53 -20.82
CA LEU C 115 20.17 22.29 -20.52
C LEU C 115 20.95 22.53 -21.80
N THR C 116 21.38 23.77 -22.01
CA THR C 116 22.14 24.15 -23.20
C THR C 116 23.43 24.82 -22.75
N VAL C 117 24.56 24.21 -23.09
CA VAL C 117 25.87 24.75 -22.76
C VAL C 117 26.45 25.30 -24.06
N SER C 118 26.19 26.59 -24.31
CA SER C 118 26.69 27.28 -25.49
C SER C 118 27.26 28.63 -25.10
N SER C 119 28.16 29.13 -25.93
CA SER C 119 28.81 30.41 -25.69
C SER C 119 28.13 31.56 -26.41
N ALA C 120 27.08 31.28 -27.17
CA ALA C 120 26.39 32.32 -27.92
C ALA C 120 25.54 33.18 -26.98
N LYS C 121 25.07 34.31 -27.52
CA LYS C 121 24.30 35.27 -26.75
C LYS C 121 22.81 34.96 -26.81
N THR C 122 22.13 35.22 -25.70
CA THR C 122 20.69 35.06 -25.65
C THR C 122 20.00 36.05 -26.57
N THR C 123 18.98 35.59 -27.28
CA THR C 123 18.31 36.45 -28.26
C THR C 123 16.80 36.25 -28.20
N PRO C 124 16.03 37.32 -27.95
CA PRO C 124 14.58 37.18 -27.94
C PRO C 124 14.05 36.94 -29.35
N PRO C 125 12.99 36.17 -29.49
CA PRO C 125 12.45 35.87 -30.83
C PRO C 125 11.69 37.05 -31.44
N SER C 126 11.61 37.02 -32.76
CA SER C 126 10.81 37.98 -33.52
C SER C 126 9.60 37.24 -34.08
N VAL C 127 8.41 37.63 -33.66
CA VAL C 127 7.19 36.92 -34.00
C VAL C 127 6.49 37.65 -35.13
N TYR C 128 6.25 36.94 -36.22
CA TYR C 128 5.57 37.49 -37.39
C TYR C 128 4.32 36.66 -37.67
N PRO C 129 3.16 37.29 -37.81
CA PRO C 129 1.93 36.53 -38.08
C PRO C 129 1.77 36.26 -39.56
N LEU C 130 1.33 35.04 -39.87
CA LEU C 130 1.09 34.63 -41.24
C LEU C 130 -0.41 34.62 -41.49
N ALA C 131 -0.87 35.54 -42.35
CA ALA C 131 -2.25 35.61 -42.79
C ALA C 131 -2.33 35.47 -44.31
N PRO C 132 -3.33 34.78 -44.83
CA PRO C 132 -3.45 34.62 -46.28
C PRO C 132 -3.80 35.93 -46.97
N GLY C 133 -3.81 35.88 -48.30
CA GLY C 133 -4.13 37.05 -49.10
C GLY C 133 -4.80 36.73 -50.42
N SER C 140 -14.08 26.89 -46.62
CA SER C 140 -14.67 26.11 -45.54
C SER C 140 -13.77 26.11 -44.30
N MET C 141 -12.50 25.77 -44.48
CA MET C 141 -11.51 25.78 -43.40
C MET C 141 -10.42 26.78 -43.72
N VAL C 142 -10.11 27.63 -42.75
CA VAL C 142 -9.06 28.62 -42.88
C VAL C 142 -7.88 28.17 -42.01
N THR C 143 -6.67 28.40 -42.49
CA THR C 143 -5.46 28.01 -41.78
C THR C 143 -4.57 29.23 -41.63
N LEU C 144 -4.16 29.51 -40.39
CA LEU C 144 -3.34 30.67 -40.06
C LEU C 144 -1.99 30.21 -39.53
N GLY C 145 -1.01 31.12 -39.58
CA GLY C 145 0.35 30.79 -39.25
C GLY C 145 0.96 31.79 -38.28
N CYS C 146 2.15 31.44 -37.81
CA CYS C 146 2.89 32.26 -36.87
C CYS C 146 4.36 31.91 -37.03
N LEU C 147 5.19 32.90 -37.30
CA LEU C 147 6.61 32.70 -37.58
C LEU C 147 7.42 33.23 -36.40
N VAL C 148 8.11 32.34 -35.71
CA VAL C 148 9.01 32.68 -34.61
C VAL C 148 10.42 32.53 -35.14
N LYS C 149 11.13 33.65 -35.31
CA LYS C 149 12.41 33.67 -35.99
C LYS C 149 13.49 34.33 -35.16
N GLY C 150 14.71 33.83 -35.32
CA GLY C 150 15.90 34.42 -34.74
C GLY C 150 15.94 34.48 -33.23
N TYR C 151 15.90 33.34 -32.57
CA TYR C 151 15.99 33.30 -31.12
C TYR C 151 17.02 32.25 -30.69
N PHE C 152 17.46 32.39 -29.45
CA PHE C 152 18.43 31.48 -28.87
C PHE C 152 18.45 31.63 -27.34
N PRO C 153 18.47 30.51 -26.62
CA PRO C 153 18.43 29.18 -27.21
C PRO C 153 17.06 28.59 -27.13
N GLU C 154 16.96 27.32 -27.46
CA GLU C 154 15.76 26.56 -27.21
C GLU C 154 15.56 26.37 -25.69
N PRO C 155 14.33 26.16 -25.24
CA PRO C 155 13.17 26.05 -26.14
C PRO C 155 12.30 27.28 -26.13
N VAL C 156 11.24 27.20 -26.93
CA VAL C 156 10.25 28.25 -27.03
C VAL C 156 8.88 27.59 -27.01
N THR C 157 8.01 28.03 -26.10
CA THR C 157 6.67 27.48 -25.98
C THR C 157 5.70 28.40 -26.71
N VAL C 158 4.93 27.84 -27.63
CA VAL C 158 4.00 28.60 -28.44
C VAL C 158 2.61 27.98 -28.30
N THR C 159 1.63 28.81 -27.96
CA THR C 159 0.24 28.40 -27.82
C THR C 159 -0.64 29.34 -28.63
N TRP C 160 -1.88 28.93 -28.84
CA TRP C 160 -2.85 29.68 -29.62
C TRP C 160 -4.05 30.03 -28.75
N ASN C 161 -4.46 31.31 -28.80
CA ASN C 161 -5.66 31.80 -28.12
C ASN C 161 -5.69 31.37 -26.66
N SER C 162 -4.58 31.63 -25.96
CA SER C 162 -4.45 31.34 -24.52
C SER C 162 -4.67 29.85 -24.23
N GLY C 163 -4.10 28.99 -25.08
CA GLY C 163 -4.18 27.56 -24.89
C GLY C 163 -5.52 26.92 -25.19
N SER C 164 -6.57 27.72 -25.40
CA SER C 164 -7.88 27.14 -25.71
C SER C 164 -7.86 26.42 -27.06
N LEU C 165 -7.33 27.07 -28.08
CA LEU C 165 -7.15 26.44 -29.39
C LEU C 165 -6.12 25.32 -29.28
N SER C 166 -6.60 24.08 -29.27
CA SER C 166 -5.75 22.91 -29.16
C SER C 166 -5.90 21.97 -30.35
N SER C 167 -7.12 21.69 -30.79
CA SER C 167 -7.35 20.82 -31.93
C SER C 167 -7.07 21.59 -33.21
N GLY C 168 -6.11 21.12 -34.00
CA GLY C 168 -5.72 21.79 -35.21
C GLY C 168 -4.41 22.54 -35.15
N VAL C 169 -3.68 22.44 -34.04
CA VAL C 169 -2.40 23.13 -33.90
C VAL C 169 -1.30 22.24 -34.46
N HIS C 170 -0.34 22.86 -35.16
CA HIS C 170 0.83 22.16 -35.70
C HIS C 170 2.04 23.08 -35.48
N THR C 171 2.79 22.83 -34.42
CA THR C 171 4.03 23.55 -34.16
C THR C 171 5.18 22.71 -34.69
N PHE C 172 5.99 23.31 -35.56
CA PHE C 172 7.03 22.53 -36.20
C PHE C 172 8.36 22.70 -35.48
N PRO C 173 9.26 21.72 -35.58
CA PRO C 173 10.56 21.84 -34.90
C PRO C 173 11.36 22.99 -35.46
N ALA C 174 12.13 23.62 -34.58
CA ALA C 174 12.95 24.75 -34.97
C ALA C 174 14.16 24.28 -35.78
N VAL C 175 14.55 25.10 -36.75
CA VAL C 175 15.78 24.93 -37.50
C VAL C 175 16.75 26.02 -37.03
N LEU C 176 18.03 25.66 -36.90
CA LEU C 176 19.03 26.60 -36.43
C LEU C 176 19.93 27.03 -37.58
N GLN C 177 20.36 28.28 -37.53
CA GLN C 177 21.18 28.87 -38.59
C GLN C 177 22.05 29.95 -37.96
N SER C 178 23.31 29.62 -37.71
CA SER C 178 24.29 30.55 -37.14
C SER C 178 23.85 31.04 -35.76
N ASP C 179 23.72 30.08 -34.84
CA ASP C 179 23.38 30.36 -33.45
C ASP C 179 22.04 31.08 -33.30
N LEU C 180 21.09 30.81 -34.20
CA LEU C 180 19.75 31.39 -34.12
C LEU C 180 18.73 30.38 -34.63
N TYR C 181 17.71 30.12 -33.82
CA TYR C 181 16.66 29.18 -34.19
C TYR C 181 15.47 29.90 -34.82
N THR C 182 14.69 29.14 -35.58
CA THR C 182 13.52 29.66 -36.28
C THR C 182 12.52 28.53 -36.44
N LEU C 183 11.31 28.71 -35.93
CA LEU C 183 10.24 27.74 -36.13
C LEU C 183 8.99 28.47 -36.60
N SER C 184 7.99 27.67 -36.98
CA SER C 184 6.71 28.20 -37.41
C SER C 184 5.60 27.29 -36.89
N SER C 185 4.42 27.87 -36.68
CA SER C 185 3.29 27.13 -36.15
C SER C 185 2.04 27.48 -36.96
N SER C 186 1.23 26.45 -37.24
CA SER C 186 0.02 26.62 -38.04
C SER C 186 -1.20 26.26 -37.20
N VAL C 187 -2.28 27.00 -37.40
CA VAL C 187 -3.55 26.75 -36.73
C VAL C 187 -4.64 26.76 -37.79
N THR C 188 -5.42 25.70 -37.86
CA THR C 188 -6.50 25.57 -38.82
C THR C 188 -7.83 25.66 -38.09
N VAL C 189 -8.60 26.70 -38.38
CA VAL C 189 -9.89 26.94 -37.74
C VAL C 189 -10.96 27.04 -38.81
N PRO C 190 -12.21 26.70 -38.52
CA PRO C 190 -13.27 26.84 -39.52
C PRO C 190 -13.43 28.30 -39.95
N SER C 191 -13.88 28.49 -41.19
CA SER C 191 -14.14 29.83 -41.69
C SER C 191 -15.24 30.53 -40.91
N SER C 192 -16.04 29.78 -40.14
CA SER C 192 -17.07 30.37 -39.30
C SER C 192 -16.52 31.12 -38.10
N THR C 193 -15.23 30.96 -37.79
CA THR C 193 -14.63 31.60 -36.62
C THR C 193 -13.72 32.76 -37.00
N TRP C 194 -12.83 32.55 -37.96
CA TRP C 194 -11.93 33.61 -38.43
C TRP C 194 -12.39 34.12 -39.80
N PRO C 195 -12.31 35.44 -40.02
CA PRO C 195 -11.79 36.46 -39.10
C PRO C 195 -12.85 37.08 -38.19
N SER C 196 -14.05 36.49 -38.15
CA SER C 196 -15.10 37.00 -37.29
C SER C 196 -14.65 37.07 -35.83
N GLU C 197 -13.84 36.12 -35.40
CA GLU C 197 -13.26 36.11 -34.07
C GLU C 197 -11.77 36.40 -34.16
N THR C 198 -11.12 36.45 -32.99
CA THR C 198 -9.70 36.78 -32.91
C THR C 198 -8.89 35.51 -32.68
N VAL C 199 -7.75 35.43 -33.38
CA VAL C 199 -6.81 34.33 -33.23
C VAL C 199 -5.48 34.92 -32.81
N THR C 200 -5.08 34.67 -31.57
CA THR C 200 -3.85 35.21 -31.01
C THR C 200 -2.79 34.11 -30.95
N CYS C 201 -1.58 34.44 -31.37
CA CYS C 201 -0.43 33.55 -31.28
C CYS C 201 0.42 33.98 -30.09
N ASN C 202 0.62 33.06 -29.15
CA ASN C 202 1.37 33.33 -27.93
C ASN C 202 2.75 32.69 -28.02
N VAL C 203 3.78 33.46 -27.75
CA VAL C 203 5.16 32.98 -27.85
C VAL C 203 5.90 33.39 -26.58
N ALA C 204 6.49 32.41 -25.90
CA ALA C 204 7.27 32.65 -24.69
C ALA C 204 8.66 32.07 -24.84
N HIS C 205 9.65 32.83 -24.38
CA HIS C 205 11.06 32.44 -24.46
C HIS C 205 11.66 32.58 -23.08
N PRO C 206 11.80 31.47 -22.34
CA PRO C 206 12.22 31.58 -20.93
C PRO C 206 13.61 32.15 -20.74
N ALA C 207 14.51 31.97 -21.72
CA ALA C 207 15.86 32.49 -21.59
C ALA C 207 15.87 34.01 -21.60
N SER C 208 15.14 34.61 -22.54
CA SER C 208 15.01 36.06 -22.59
C SER C 208 14.04 36.60 -21.55
N SER C 209 13.23 35.73 -20.93
CA SER C 209 12.19 36.14 -19.99
C SER C 209 11.23 37.14 -20.62
N THR C 210 10.84 36.87 -21.87
CA THR C 210 9.96 37.74 -22.64
C THR C 210 8.76 36.93 -23.14
N LYS C 211 7.74 37.66 -23.60
CA LYS C 211 6.53 37.04 -24.12
C LYS C 211 5.82 38.03 -25.03
N VAL C 212 5.60 37.63 -26.27
CA VAL C 212 4.90 38.45 -27.25
C VAL C 212 3.61 37.74 -27.65
N ASP C 213 2.64 38.52 -28.11
CA ASP C 213 1.32 38.02 -28.51
C ASP C 213 0.89 38.77 -29.78
N LYS C 214 1.30 38.26 -30.93
CA LYS C 214 0.94 38.86 -32.21
C LYS C 214 -0.38 38.28 -32.69
N LYS C 215 -1.27 39.16 -33.13
CA LYS C 215 -2.59 38.76 -33.61
C LYS C 215 -2.60 38.70 -35.13
N ILE C 216 -3.33 37.73 -35.67
CA ILE C 216 -3.41 37.52 -37.12
C ILE C 216 -4.54 38.38 -37.68
N VAL C 217 -4.17 39.33 -38.52
CA VAL C 217 -5.10 40.30 -39.08
C VAL C 217 -4.99 40.30 -40.60
N PRO C 218 -6.11 40.23 -41.34
CA PRO C 218 -6.11 40.26 -42.81
C PRO C 218 -5.46 41.53 -43.38
N ASP D 1 30.52 -3.33 -19.96
CA ASP D 1 29.26 -3.49 -19.26
C ASP D 1 28.32 -4.43 -20.01
N ILE D 2 27.04 -4.08 -20.04
CA ILE D 2 26.02 -4.88 -20.71
C ILE D 2 25.27 -4.00 -21.69
N VAL D 3 25.18 -4.44 -22.95
CA VAL D 3 24.57 -3.67 -24.02
C VAL D 3 23.21 -4.29 -24.33
N MET D 4 22.20 -3.43 -24.52
CA MET D 4 20.86 -3.85 -24.86
C MET D 4 20.62 -3.56 -26.34
N THR D 5 20.35 -4.61 -27.11
CA THR D 5 20.18 -4.50 -28.57
C THR D 5 18.76 -4.88 -28.94
N GLN D 6 18.03 -3.96 -29.58
CA GLN D 6 16.63 -4.17 -29.93
C GLN D 6 16.55 -4.54 -31.42
N ALA D 7 15.76 -5.58 -31.70
CA ALA D 7 15.92 -6.29 -32.98
C ALA D 7 15.43 -5.48 -34.17
N PRO D 8 14.22 -4.89 -34.16
CA PRO D 8 13.82 -4.06 -35.31
C PRO D 8 13.75 -2.59 -34.96
N ALA D 9 14.53 -1.74 -35.64
CA ALA D 9 14.56 -0.32 -35.30
C ALA D 9 13.22 0.34 -35.58
N THR D 10 12.53 -0.09 -36.64
CA THR D 10 11.31 0.57 -37.09
C THR D 10 10.29 -0.48 -37.51
N LEU D 11 9.01 -0.15 -37.36
CA LEU D 11 7.93 -1.05 -37.74
C LEU D 11 6.73 -0.21 -38.15
N SER D 12 6.00 -0.69 -39.15
CA SER D 12 4.77 -0.05 -39.63
C SER D 12 3.65 -1.07 -39.54
N VAL D 13 2.72 -0.85 -38.61
CA VAL D 13 1.69 -1.83 -38.28
C VAL D 13 0.34 -1.30 -38.72
N THR D 14 -0.52 -2.21 -39.19
CA THR D 14 -1.88 -1.82 -39.51
C THR D 14 -2.71 -1.75 -38.23
N PRO D 15 -3.56 -0.72 -38.09
CA PRO D 15 -4.37 -0.59 -36.86
C PRO D 15 -5.22 -1.80 -36.58
N GLY D 16 -4.89 -2.53 -35.52
CA GLY D 16 -5.58 -3.75 -35.14
C GLY D 16 -4.72 -5.00 -35.21
N ASP D 17 -3.58 -4.94 -35.89
CA ASP D 17 -2.70 -6.10 -35.99
C ASP D 17 -1.96 -6.30 -34.66
N ARG D 18 -1.18 -7.37 -34.59
CA ARG D 18 -0.42 -7.72 -33.40
C ARG D 18 1.07 -7.62 -33.74
N VAL D 19 1.77 -6.71 -33.07
CA VAL D 19 3.18 -6.48 -33.31
C VAL D 19 3.97 -6.91 -32.08
N SER D 20 5.14 -7.49 -32.31
CA SER D 20 6.04 -7.94 -31.25
C SER D 20 7.40 -7.28 -31.45
N LEU D 21 7.83 -6.50 -30.46
CA LEU D 21 9.14 -5.87 -30.48
C LEU D 21 10.11 -6.66 -29.62
N SER D 22 11.31 -6.89 -30.14
CA SER D 22 12.30 -7.73 -29.49
C SER D 22 13.40 -6.89 -28.84
N CYS D 23 14.01 -7.47 -27.81
CA CYS D 23 15.04 -6.80 -27.02
C CYS D 23 15.98 -7.89 -26.51
N ARG D 24 17.17 -7.97 -27.09
CA ARG D 24 18.15 -8.99 -26.75
C ARG D 24 19.28 -8.35 -25.95
N ALA D 25 19.67 -9.00 -24.86
CA ALA D 25 20.76 -8.53 -24.01
C ALA D 25 22.02 -9.35 -24.28
N SER D 26 23.17 -8.71 -24.07
CA SER D 26 24.44 -9.41 -24.26
C SER D 26 24.65 -10.50 -23.22
N GLN D 27 24.30 -10.21 -21.96
CA GLN D 27 24.37 -11.15 -20.87
C GLN D 27 22.97 -11.46 -20.36
N SER D 28 22.87 -12.55 -19.59
CA SER D 28 21.59 -12.88 -18.98
C SER D 28 21.29 -11.92 -17.84
N ILE D 29 20.03 -11.48 -17.76
CA ILE D 29 19.60 -10.51 -16.76
C ILE D 29 18.32 -11.00 -16.09
N ALA D 30 18.05 -12.30 -16.20
CA ALA D 30 16.90 -12.94 -15.56
C ALA D 30 15.64 -12.22 -16.03
N ASP D 31 14.83 -11.64 -15.14
CA ASP D 31 13.62 -10.94 -15.53
C ASP D 31 13.67 -9.44 -15.23
N TYR D 32 14.82 -8.92 -14.81
CA TYR D 32 14.98 -7.49 -14.53
C TYR D 32 15.10 -6.73 -15.85
N LEU D 33 13.99 -6.69 -16.58
CA LEU D 33 13.94 -6.10 -17.91
C LEU D 33 12.66 -5.27 -18.01
N TYR D 34 12.81 -3.95 -18.09
CA TYR D 34 11.69 -3.03 -18.07
C TYR D 34 11.47 -2.43 -19.45
N TRP D 35 10.23 -1.97 -19.70
CA TRP D 35 9.85 -1.41 -20.99
C TRP D 35 9.28 -0.01 -20.81
N TYR D 36 9.77 0.94 -21.58
CA TYR D 36 9.32 2.32 -21.51
C TYR D 36 8.80 2.78 -22.87
N GLN D 37 7.77 3.62 -22.83
CA GLN D 37 7.19 4.23 -24.03
C GLN D 37 7.42 5.73 -23.95
N GLN D 38 7.99 6.30 -25.01
CA GLN D 38 8.21 7.73 -25.11
C GLN D 38 7.52 8.25 -26.36
N LYS D 39 6.40 8.92 -26.18
CA LYS D 39 5.76 9.62 -27.27
C LYS D 39 6.49 10.93 -27.56
N SER D 40 6.22 11.51 -28.72
CA SER D 40 6.91 12.72 -29.12
C SER D 40 6.65 13.87 -28.14
N HIS D 41 7.72 14.57 -27.79
CA HIS D 41 7.63 15.75 -26.91
C HIS D 41 7.05 15.39 -25.55
N GLU D 42 7.41 14.21 -25.04
CA GLU D 42 6.92 13.74 -23.75
C GLU D 42 8.03 12.98 -23.04
N SER D 43 7.83 12.75 -21.75
CA SER D 43 8.76 11.96 -20.96
C SER D 43 8.47 10.47 -21.13
N PRO D 44 9.46 9.62 -20.89
CA PRO D 44 9.21 8.17 -20.96
C PRO D 44 8.16 7.75 -19.92
N ARG D 45 7.41 6.72 -20.26
CA ARG D 45 6.39 6.18 -19.37
C ARG D 45 6.59 4.67 -19.23
N LEU D 46 6.66 4.19 -17.99
CA LEU D 46 6.86 2.77 -17.73
C LEU D 46 5.66 1.97 -18.21
N LEU D 47 5.93 0.92 -18.98
CA LEU D 47 4.90 0.06 -19.56
C LEU D 47 4.73 -1.25 -18.81
N LEU D 48 5.81 -2.00 -18.63
CA LEU D 48 5.75 -3.36 -18.13
C LEU D 48 6.71 -3.52 -16.95
N LYS D 49 6.21 -4.15 -15.88
CA LYS D 49 7.04 -4.38 -14.71
C LYS D 49 8.17 -5.37 -15.00
N TYR D 50 7.86 -6.53 -15.56
CA TYR D 50 8.88 -7.54 -15.80
C TYR D 50 8.59 -8.40 -17.03
N PRO D 59 -2.50 0.75 -20.15
CA PRO D 59 -2.05 -0.36 -21.00
C PRO D 59 -3.19 -1.35 -21.31
N SER D 60 -3.10 -2.58 -20.80
CA SER D 60 -4.07 -3.68 -20.96
C SER D 60 -4.04 -4.29 -22.36
N ARG D 61 -3.20 -3.78 -23.24
CA ARG D 61 -2.92 -4.38 -24.54
C ARG D 61 -1.45 -4.71 -24.69
N PHE D 62 -0.60 -4.20 -23.81
CA PHE D 62 0.82 -4.52 -23.75
C PHE D 62 1.02 -5.73 -22.86
N SER D 63 1.84 -6.66 -23.32
CA SER D 63 2.16 -7.86 -22.55
C SER D 63 3.65 -8.11 -22.68
N GLY D 64 4.18 -8.84 -21.72
CA GLY D 64 5.61 -9.11 -21.68
C GLY D 64 5.86 -10.61 -21.61
N SER D 65 6.90 -11.04 -22.30
CA SER D 65 7.31 -12.43 -22.31
C SER D 65 8.83 -12.47 -22.37
N GLY D 66 9.37 -13.69 -22.38
CA GLY D 66 10.81 -13.86 -22.43
C GLY D 66 11.45 -13.82 -21.06
N SER D 67 12.68 -14.34 -21.01
CA SER D 67 13.46 -14.40 -19.78
C SER D 67 14.90 -14.73 -20.15
N GLY D 68 15.81 -14.35 -19.27
CA GLY D 68 17.22 -14.65 -19.46
C GLY D 68 17.96 -13.58 -20.25
N SER D 69 18.06 -13.77 -21.57
CA SER D 69 18.79 -12.85 -22.42
C SER D 69 18.00 -12.32 -23.61
N ASP D 70 16.86 -12.92 -23.93
CA ASP D 70 16.02 -12.48 -25.03
C ASP D 70 14.61 -12.25 -24.49
N PHE D 71 14.03 -11.10 -24.80
CA PHE D 71 12.71 -10.72 -24.32
C PHE D 71 11.87 -10.27 -25.50
N THR D 72 10.61 -9.93 -25.23
CA THR D 72 9.71 -9.48 -26.27
C THR D 72 8.56 -8.71 -25.65
N LEU D 73 8.28 -7.54 -26.20
CA LEU D 73 7.08 -6.76 -25.86
C LEU D 73 6.08 -6.91 -27.00
N THR D 74 4.86 -7.30 -26.67
CA THR D 74 3.83 -7.53 -27.68
C THR D 74 2.63 -6.64 -27.43
N ILE D 75 2.09 -6.08 -28.51
CA ILE D 75 0.85 -5.29 -28.49
C ILE D 75 -0.19 -6.10 -29.25
N ASN D 76 -1.19 -6.60 -28.53
CA ASN D 76 -2.17 -7.49 -29.15
C ASN D 76 -2.99 -6.79 -30.21
N SER D 77 -3.61 -5.66 -29.86
CA SER D 77 -4.36 -4.84 -30.81
C SER D 77 -3.75 -3.45 -30.82
N VAL D 78 -3.00 -3.15 -31.89
CA VAL D 78 -2.30 -1.87 -31.97
C VAL D 78 -3.30 -0.74 -32.14
N GLU D 79 -3.13 0.33 -31.37
CA GLU D 79 -3.97 1.51 -31.39
C GLU D 79 -3.19 2.70 -31.98
N PRO D 80 -3.88 3.68 -32.58
CA PRO D 80 -3.17 4.83 -33.14
C PRO D 80 -2.34 5.59 -32.13
N GLU D 81 -2.73 5.60 -30.86
CA GLU D 81 -1.97 6.31 -29.83
C GLU D 81 -0.65 5.62 -29.47
N ASP D 82 -0.37 4.45 -30.05
CA ASP D 82 0.85 3.71 -29.74
C ASP D 82 2.06 4.19 -30.52
N VAL D 83 1.93 5.26 -31.30
CA VAL D 83 3.06 5.77 -32.05
C VAL D 83 4.08 6.38 -31.09
N GLY D 84 5.34 6.03 -31.29
CA GLY D 84 6.40 6.61 -30.50
C GLY D 84 7.61 5.69 -30.45
N MET D 85 8.47 5.95 -29.48
CA MET D 85 9.68 5.18 -29.29
C MET D 85 9.50 4.22 -28.12
N TYR D 86 10.08 3.03 -28.24
CA TYR D 86 9.99 2.01 -27.21
C TYR D 86 11.40 1.58 -26.82
N TYR D 87 11.76 1.84 -25.57
CA TYR D 87 13.05 1.44 -25.03
C TYR D 87 12.86 0.30 -24.03
N CYS D 88 13.84 -0.61 -24.01
CA CYS D 88 13.95 -1.61 -22.95
C CYS D 88 15.17 -1.28 -22.11
N GLN D 89 15.03 -1.40 -20.79
CA GLN D 89 16.08 -1.05 -19.85
C GLN D 89 16.53 -2.28 -19.08
N ASN D 90 17.86 -2.41 -18.93
CA ASN D 90 18.43 -3.42 -18.05
C ASN D 90 18.44 -2.88 -16.63
N GLY D 91 17.81 -3.62 -15.71
CA GLY D 91 17.79 -3.24 -14.31
C GLY D 91 18.34 -4.32 -13.42
N HIS D 92 19.21 -5.16 -13.99
CA HIS D 92 19.75 -6.30 -13.26
C HIS D 92 21.10 -6.00 -12.63
N SER D 93 21.89 -5.11 -13.22
CA SER D 93 23.20 -4.79 -12.67
C SER D 93 23.59 -3.37 -13.06
N PHE D 94 24.44 -2.77 -12.22
CA PHE D 94 24.98 -1.44 -12.51
C PHE D 94 26.15 -1.52 -13.47
N PRO D 95 26.22 -0.60 -14.43
CA PRO D 95 25.24 0.47 -14.64
C PRO D 95 24.02 0.01 -15.43
N ARG D 96 22.87 0.60 -15.15
CA ARG D 96 21.66 0.29 -15.90
C ARG D 96 21.78 0.89 -17.30
N THR D 97 21.44 0.10 -18.30
CA THR D 97 21.56 0.53 -19.69
C THR D 97 20.23 0.36 -20.40
N PHE D 98 20.01 1.21 -21.40
CA PHE D 98 18.82 1.14 -22.23
C PHE D 98 19.17 0.58 -23.60
N GLY D 99 18.14 0.21 -24.36
CA GLY D 99 18.33 -0.24 -25.71
C GLY D 99 18.38 0.90 -26.70
N GLY D 100 18.59 0.53 -27.96
CA GLY D 100 18.67 1.52 -29.02
C GLY D 100 17.35 2.17 -29.37
N GLY D 101 16.24 1.64 -28.89
CA GLY D 101 14.93 2.19 -29.16
C GLY D 101 14.31 1.61 -30.41
N THR D 102 12.99 1.58 -30.44
CA THR D 102 12.22 1.12 -31.58
C THR D 102 11.14 2.15 -31.89
N LYS D 103 11.21 2.75 -33.07
CA LYS D 103 10.21 3.71 -33.51
C LYS D 103 9.03 2.96 -34.11
N LEU D 104 7.84 3.17 -33.55
CA LEU D 104 6.63 2.50 -34.02
C LEU D 104 5.80 3.49 -34.84
N GLU D 105 5.59 3.16 -36.11
CA GLU D 105 4.70 3.88 -36.99
C GLU D 105 3.50 3.01 -37.32
N ILE D 106 2.39 3.63 -37.69
CA ILE D 106 1.15 2.92 -37.98
C ILE D 106 0.74 3.18 -39.42
N LYS D 107 0.37 2.11 -40.13
CA LYS D 107 -0.16 2.27 -41.47
C LYS D 107 -1.51 2.98 -41.42
N ARG D 108 -1.85 3.63 -42.53
CA ARG D 108 -3.06 4.43 -42.59
C ARG D 108 -3.53 4.51 -44.03
N ALA D 109 -4.74 5.03 -44.21
CA ALA D 109 -5.25 5.30 -45.55
C ALA D 109 -4.57 6.55 -46.12
N ASP D 110 -4.32 6.53 -47.43
CA ASP D 110 -3.64 7.65 -48.07
C ASP D 110 -4.48 8.92 -47.93
N ALA D 111 -3.81 10.02 -47.56
CA ALA D 111 -4.46 11.31 -47.36
C ALA D 111 -3.65 12.40 -48.04
N ALA D 112 -4.32 13.19 -48.88
CA ALA D 112 -3.65 14.27 -49.59
C ALA D 112 -3.34 15.43 -48.65
N PRO D 113 -2.21 16.10 -48.82
CA PRO D 113 -1.88 17.22 -47.93
C PRO D 113 -2.75 18.44 -48.21
N THR D 114 -2.89 19.28 -47.19
CA THR D 114 -3.54 20.57 -47.31
C THR D 114 -2.45 21.63 -47.39
N VAL D 115 -2.27 22.21 -48.57
CA VAL D 115 -1.17 23.14 -48.84
C VAL D 115 -1.69 24.56 -48.68
N SER D 116 -0.91 25.40 -48.01
CA SER D 116 -1.26 26.80 -47.83
C SER D 116 0.02 27.63 -47.76
N ILE D 117 0.10 28.67 -48.59
CA ILE D 117 1.29 29.52 -48.68
C ILE D 117 0.95 30.89 -48.09
N PHE D 118 1.96 31.50 -47.46
CA PHE D 118 1.80 32.77 -46.78
C PHE D 118 2.91 33.72 -47.22
N PRO D 119 2.58 34.90 -47.72
CA PRO D 119 3.62 35.87 -48.12
C PRO D 119 4.25 36.50 -46.90
N PRO D 120 5.42 37.13 -47.06
CA PRO D 120 6.05 37.81 -45.93
C PRO D 120 5.13 38.85 -45.34
N SER D 121 5.02 38.84 -44.01
CA SER D 121 4.18 39.79 -43.29
C SER D 121 4.75 41.20 -43.41
N SER D 122 3.85 42.18 -43.31
CA SER D 122 4.27 43.58 -43.32
C SER D 122 5.26 43.87 -42.20
N GLU D 123 5.08 43.21 -41.05
CA GLU D 123 5.95 43.47 -39.90
C GLU D 123 7.37 42.96 -40.12
N GLN D 124 7.54 41.86 -40.88
CA GLN D 124 8.88 41.32 -41.07
C GLN D 124 9.66 42.16 -42.07
N LEU D 125 9.06 42.47 -43.22
CA LEU D 125 9.37 43.67 -43.99
C LEU D 125 9.10 44.86 -43.08
N ALA D 126 9.32 46.10 -43.55
CA ALA D 126 9.25 47.25 -42.63
C ALA D 126 10.02 46.98 -41.35
N ALA D 127 10.78 45.89 -41.40
CA ALA D 127 11.95 45.52 -40.64
C ALA D 127 12.76 44.85 -41.73
N GLY D 128 13.99 44.46 -41.42
CA GLY D 128 14.78 43.95 -42.53
C GLY D 128 14.66 42.45 -42.75
N GLY D 129 13.61 41.96 -43.42
CA GLY D 129 13.45 40.54 -43.59
C GLY D 129 12.44 40.18 -44.65
N ALA D 130 12.69 39.05 -45.34
CA ALA D 130 11.79 38.51 -46.34
C ALA D 130 11.73 37.00 -46.16
N SER D 131 10.60 36.49 -45.66
CA SER D 131 10.42 35.07 -45.39
C SER D 131 9.05 34.62 -45.89
N VAL D 132 9.05 33.62 -46.76
CA VAL D 132 7.83 33.05 -47.30
C VAL D 132 7.66 31.65 -46.71
N VAL D 133 6.48 31.38 -46.18
CA VAL D 133 6.21 30.15 -45.45
C VAL D 133 5.15 29.34 -46.21
N CYS D 134 5.37 28.03 -46.29
CA CYS D 134 4.44 27.11 -46.93
C CYS D 134 4.18 25.95 -45.99
N PHE D 135 2.90 25.70 -45.70
CA PHE D 135 2.48 24.62 -44.83
C PHE D 135 1.88 23.49 -45.66
N LEU D 136 2.27 22.26 -45.33
CA LEU D 136 1.72 21.05 -45.96
C LEU D 136 1.32 20.12 -44.83
N ASN D 137 0.05 20.12 -44.47
CA ASN D 137 -0.42 19.51 -43.23
C ASN D 137 -1.31 18.31 -43.51
N ASN D 138 -1.24 17.32 -42.61
CA ASN D 138 -2.16 16.18 -42.56
C ASN D 138 -2.15 15.39 -43.87
N PHE D 139 -1.06 14.66 -44.08
CA PHE D 139 -0.93 13.80 -45.24
C PHE D 139 -0.35 12.45 -44.84
N TYR D 140 -0.54 11.47 -45.70
CA TYR D 140 0.03 10.15 -45.53
C TYR D 140 0.15 9.51 -46.91
N PRO D 141 1.29 8.86 -47.19
CA PRO D 141 2.44 8.69 -46.28
C PRO D 141 3.31 9.93 -46.14
N LYS D 142 4.42 9.80 -45.42
CA LYS D 142 5.26 10.95 -45.09
C LYS D 142 6.13 11.40 -46.25
N ASP D 143 6.30 10.57 -47.27
CA ASP D 143 7.18 10.91 -48.38
C ASP D 143 6.53 11.99 -49.24
N ILE D 144 7.13 13.17 -49.26
CA ILE D 144 6.70 14.29 -50.09
C ILE D 144 7.94 15.01 -50.62
N ASN D 145 7.88 15.44 -51.88
CA ASN D 145 8.88 16.31 -52.48
C ASN D 145 8.29 17.70 -52.62
N VAL D 146 9.01 18.70 -52.12
CA VAL D 146 8.56 20.09 -52.13
C VAL D 146 9.58 20.92 -52.90
N LYS D 147 9.10 21.70 -53.86
CA LYS D 147 9.93 22.59 -54.65
C LYS D 147 9.47 24.02 -54.46
N TRP D 148 10.42 24.95 -54.45
CA TRP D 148 10.13 26.38 -54.45
C TRP D 148 10.47 26.94 -55.82
N LYS D 149 9.49 27.56 -56.47
CA LYS D 149 9.68 28.17 -57.78
C LYS D 149 9.39 29.67 -57.70
N ILE D 150 10.35 30.48 -58.14
CA ILE D 150 10.19 31.93 -58.20
C ILE D 150 10.19 32.33 -59.67
N ASP D 151 9.07 32.87 -60.15
CA ASP D 151 8.89 33.24 -61.55
C ASP D 151 9.16 32.04 -62.47
N GLY D 152 8.69 30.86 -62.04
CA GLY D 152 8.90 29.64 -62.78
C GLY D 152 10.30 29.06 -62.70
N SER D 153 11.12 29.53 -61.77
CA SER D 153 12.50 29.06 -61.63
C SER D 153 12.66 28.38 -60.27
N GLU D 154 13.12 27.13 -60.30
CA GLU D 154 13.25 26.37 -59.07
C GLU D 154 14.31 26.98 -58.17
N ARG D 155 14.00 27.04 -56.88
CA ARG D 155 14.86 27.63 -55.86
C ARG D 155 15.16 26.59 -54.80
N GLN D 156 16.45 26.27 -54.61
CA GLN D 156 16.87 25.33 -53.58
C GLN D 156 17.70 25.96 -52.48
N ASN D 157 18.24 27.16 -52.68
CA ASN D 157 19.07 27.81 -51.69
C ASN D 157 18.22 28.67 -50.75
N GLY D 158 18.53 28.60 -49.46
CA GLY D 158 17.81 29.38 -48.48
C GLY D 158 16.46 28.82 -48.08
N VAL D 159 16.27 27.51 -48.20
CA VAL D 159 15.01 26.87 -47.85
C VAL D 159 15.23 26.04 -46.58
N LEU D 160 14.25 26.08 -45.68
CA LEU D 160 14.32 25.38 -44.41
C LEU D 160 13.10 24.49 -44.27
N ASN D 161 13.32 23.21 -43.96
CA ASN D 161 12.25 22.24 -43.83
C ASN D 161 12.19 21.71 -42.41
N SER D 162 10.98 21.62 -41.87
CA SER D 162 10.73 21.02 -40.56
C SER D 162 9.55 20.06 -40.69
N TRP D 163 9.62 18.96 -39.96
CA TRP D 163 8.63 17.88 -40.07
C TRP D 163 8.10 17.55 -38.69
N THR D 164 6.80 17.28 -38.62
CA THR D 164 6.22 16.82 -37.37
C THR D 164 6.24 15.31 -37.32
N ASP D 165 6.35 14.78 -36.10
CA ASP D 165 6.22 13.36 -35.88
C ASP D 165 4.80 12.90 -36.24
N GLN D 166 4.64 11.59 -36.37
CA GLN D 166 3.33 11.05 -36.72
C GLN D 166 2.32 11.35 -35.62
N ASP D 167 1.11 11.73 -36.03
CA ASP D 167 0.08 12.12 -35.09
C ASP D 167 -0.48 10.91 -34.35
N SER D 168 -0.74 11.09 -33.05
CA SER D 168 -1.30 10.00 -32.25
C SER D 168 -2.77 9.75 -32.60
N LYS D 169 -3.54 10.81 -32.85
CA LYS D 169 -4.95 10.67 -33.21
C LYS D 169 -5.17 10.63 -34.71
N ASP D 170 -4.58 11.59 -35.45
CA ASP D 170 -4.79 11.69 -36.89
C ASP D 170 -4.01 10.64 -37.66
N SER D 171 -2.84 10.25 -37.17
CA SER D 171 -1.93 9.30 -37.82
C SER D 171 -1.37 9.84 -39.13
N THR D 172 -1.37 11.16 -39.30
CA THR D 172 -0.84 11.81 -40.50
C THR D 172 0.44 12.57 -40.15
N TYR D 173 1.08 13.09 -41.19
CA TYR D 173 2.31 13.85 -41.06
C TYR D 173 2.10 15.27 -41.58
N SER D 174 2.92 16.20 -41.10
CA SER D 174 2.83 17.59 -41.52
C SER D 174 4.23 18.14 -41.75
N MET D 175 4.32 19.13 -42.63
CA MET D 175 5.59 19.70 -43.07
C MET D 175 5.44 21.19 -43.27
N SER D 176 6.51 21.93 -42.99
CA SER D 176 6.57 23.35 -43.29
C SER D 176 7.92 23.66 -43.95
N SER D 177 7.87 24.33 -45.10
CA SER D 177 9.07 24.83 -45.76
C SER D 177 8.97 26.34 -45.85
N THR D 178 10.05 27.02 -45.48
CA THR D 178 10.11 28.47 -45.53
C THR D 178 11.24 28.91 -46.43
N LEU D 179 10.93 29.82 -47.36
CA LEU D 179 11.91 30.41 -48.26
C LEU D 179 12.36 31.74 -47.69
N THR D 180 13.65 31.85 -47.40
CA THR D 180 14.23 33.05 -46.79
C THR D 180 14.99 33.84 -47.86
N LEU D 181 14.60 35.09 -48.05
CA LEU D 181 15.26 35.99 -48.98
C LEU D 181 15.74 37.23 -48.24
N THR D 182 16.52 38.04 -48.94
CA THR D 182 16.76 39.40 -48.50
C THR D 182 15.61 40.28 -48.98
N LYS D 183 15.23 41.26 -48.14
CA LYS D 183 14.15 42.16 -48.50
C LYS D 183 14.40 42.82 -49.85
N ASP D 184 15.68 43.07 -50.18
CA ASP D 184 16.02 43.59 -51.51
C ASP D 184 15.69 42.58 -52.60
N GLU D 185 16.01 41.29 -52.37
CA GLU D 185 15.79 40.28 -53.40
C GLU D 185 14.31 39.94 -53.54
N TYR D 186 13.54 40.01 -52.44
CA TYR D 186 12.12 39.70 -52.52
C TYR D 186 11.36 40.68 -53.39
N GLU D 187 11.84 41.91 -53.49
CA GLU D 187 11.21 42.90 -54.36
C GLU D 187 11.59 42.74 -55.83
N ARG D 188 12.61 41.93 -56.14
CA ARG D 188 13.07 41.77 -57.51
C ARG D 188 12.25 40.77 -58.31
N HIS D 189 11.26 40.11 -57.70
CA HIS D 189 10.50 39.07 -58.38
C HIS D 189 9.02 39.18 -58.04
N ASN D 190 8.18 38.53 -58.83
CA ASN D 190 6.74 38.71 -58.72
C ASN D 190 5.98 37.45 -58.32
N SER D 191 6.30 36.29 -58.90
CA SER D 191 5.53 35.07 -58.65
C SER D 191 6.30 34.12 -57.76
N TYR D 192 5.65 33.70 -56.66
CA TYR D 192 6.23 32.75 -55.70
C TYR D 192 5.28 31.57 -55.57
N THR D 193 5.77 30.37 -55.90
CA THR D 193 4.95 29.16 -55.88
C THR D 193 5.54 28.14 -54.91
N CYS D 194 4.66 27.23 -54.47
CA CYS D 194 5.05 26.15 -53.55
C CYS D 194 4.40 24.88 -54.07
N GLU D 195 5.15 24.09 -54.83
CA GLU D 195 4.63 22.87 -55.45
C GLU D 195 5.08 21.65 -54.67
N ALA D 196 4.26 20.61 -54.72
CA ALA D 196 4.53 19.38 -53.99
C ALA D 196 4.20 18.17 -54.85
N THR D 197 4.99 17.11 -54.70
CA THR D 197 4.73 15.82 -55.32
C THR D 197 4.46 14.81 -54.22
N HIS D 198 3.32 14.15 -54.28
CA HIS D 198 2.92 13.17 -53.27
C HIS D 198 2.33 11.95 -53.97
N LYS D 199 2.16 10.88 -53.20
CA LYS D 199 1.56 9.66 -53.75
C LYS D 199 0.13 9.89 -54.20
N THR D 200 -0.58 10.80 -53.52
CA THR D 200 -2.00 11.04 -53.78
C THR D 200 -2.24 12.14 -54.80
N SER D 201 -1.24 12.47 -55.62
CA SER D 201 -1.32 13.59 -56.55
C SER D 201 -1.08 13.10 -57.97
N THR D 202 -2.12 13.15 -58.80
CA THR D 202 -1.92 12.93 -60.23
C THR D 202 -1.18 14.10 -60.85
N SER D 203 -1.53 15.32 -60.44
CA SER D 203 -0.83 16.54 -60.81
C SER D 203 -0.17 17.15 -59.56
N PRO D 204 0.98 17.82 -59.72
CA PRO D 204 1.67 18.39 -58.55
C PRO D 204 0.83 19.47 -57.89
N ILE D 205 0.57 19.31 -56.59
CA ILE D 205 -0.21 20.30 -55.86
C ILE D 205 0.59 21.60 -55.79
N VAL D 206 -0.01 22.68 -56.28
CA VAL D 206 0.67 23.97 -56.41
C VAL D 206 -0.13 25.04 -55.70
N LYS D 207 0.54 25.81 -54.85
CA LYS D 207 -0.03 27.00 -54.22
C LYS D 207 0.94 28.16 -54.46
N SER D 208 0.43 29.26 -54.97
CA SER D 208 1.26 30.39 -55.33
C SER D 208 0.56 31.70 -55.01
N PHE D 209 1.32 32.78 -55.05
CA PHE D 209 0.77 34.12 -54.90
C PHE D 209 1.63 35.09 -55.68
N ASN D 210 1.06 36.25 -55.98
CA ASN D 210 1.77 37.35 -56.60
C ASN D 210 1.76 38.54 -55.66
N ARG D 211 2.89 39.25 -55.57
CA ARG D 211 2.97 40.45 -54.75
C ARG D 211 2.38 41.65 -55.50
N ASN D 212 1.11 41.51 -55.84
CA ASN D 212 0.38 42.54 -56.56
C ASN D 212 -1.12 42.42 -56.29
C1 NAG E . 16.00 -23.79 1.63
C2 NAG E . 17.39 -23.76 2.23
C3 NAG E . 18.41 -23.52 1.13
C4 NAG E . 18.27 -24.59 0.05
C5 NAG E . 16.83 -24.70 -0.44
C6 NAG E . 16.61 -25.87 -1.37
C7 NAG E . 17.40 -23.01 4.57
C8 NAG E . 17.52 -21.83 5.49
N2 NAG E . 17.49 -22.74 3.26
O3 NAG E . 19.73 -23.57 1.69
O4 NAG E . 19.11 -24.28 -1.05
O5 NAG E . 15.91 -24.86 0.67
O6 NAG E . 15.33 -25.86 -1.98
O7 NAG E . 17.23 -24.15 4.98
C1 NAG F . 2.17 -39.81 8.54
C2 NAG F . 1.60 -39.84 7.12
C3 NAG F . 0.40 -40.78 7.06
C4 NAG F . 0.77 -42.16 7.59
C5 NAG F . 1.37 -42.03 8.99
C6 NAG F . 1.88 -43.34 9.54
C7 NAG F . 2.03 -37.77 5.88
C8 NAG F . 1.52 -36.41 5.52
N2 NAG F . 1.25 -38.51 6.67
O3 NAG F . -0.05 -40.88 5.70
O4 NAG F . -0.39 -42.98 7.66
O5 NAG F . 2.49 -41.14 8.95
O6 NAG F . 1.32 -43.62 10.82
O7 NAG F . 3.11 -38.19 5.47
C1 GOL G . 19.81 -8.58 -1.36
O1 GOL G . 19.84 -9.08 -2.68
C2 GOL G . 19.85 -7.04 -1.36
O2 GOL G . 19.69 -6.56 -2.67
C3 GOL G . 18.70 -6.50 -0.51
O3 GOL G . 17.49 -6.76 -1.19
C1 GOL H . -2.73 -27.65 14.96
O1 GOL H . -2.07 -26.80 14.04
C2 GOL H . -4.19 -27.84 14.54
O2 GOL H . -4.58 -29.17 14.79
C3 GOL H . -5.08 -26.90 15.33
O3 GOL H . -6.44 -27.23 15.10
S SO4 I . 15.74 -19.26 1.53
O1 SO4 I . 16.41 -18.42 0.53
O2 SO4 I . 16.53 -20.45 1.79
O3 SO4 I . 15.57 -18.50 2.77
O4 SO4 I . 14.43 -19.66 1.03
S SO4 J . -1.16 -36.31 3.19
O1 SO4 J . -2.34 -36.07 2.37
O2 SO4 J . -0.43 -37.48 2.69
O3 SO4 J . -1.56 -36.54 4.57
O4 SO4 J . -0.26 -35.15 3.12
S SO4 K . 13.93 -15.24 20.97
O1 SO4 K . 14.90 -14.69 20.04
O2 SO4 K . 13.53 -16.57 20.53
O3 SO4 K . 14.53 -15.32 22.31
O4 SO4 K . 12.76 -14.36 21.04
S SO4 L . 15.76 -11.34 39.44
O1 SO4 L . 17.07 -11.98 39.26
O2 SO4 L . 15.39 -10.65 38.21
O3 SO4 L . 15.85 -10.38 40.54
O4 SO4 L . 14.76 -12.34 39.78
S SO4 M . -17.14 -0.38 7.07
O1 SO4 M . -15.92 -0.58 6.31
O2 SO4 M . -18.18 -1.23 6.51
O3 SO4 M . -16.93 -0.76 8.48
O4 SO4 M . -17.51 1.03 7.01
S SO4 N . -39.71 -3.42 9.65
O1 SO4 N . -38.49 -3.97 9.06
O2 SO4 N . -40.85 -3.78 8.82
O3 SO4 N . -39.88 -3.98 10.99
O4 SO4 N . -39.62 -1.96 9.76
S SO4 O . -12.69 -14.64 21.21
O1 SO4 O . -11.82 -13.71 20.48
O2 SO4 O . -13.67 -15.22 20.28
O3 SO4 O . -11.88 -15.70 21.80
O4 SO4 O . -13.40 -13.92 22.25
S SO4 P . 5.83 5.11 31.15
O1 SO4 P . 5.16 4.66 29.93
O2 SO4 P . 7.28 5.10 30.92
O3 SO4 P . 5.50 4.21 32.25
O4 SO4 P . 5.40 6.47 31.48
S SO4 Q . -39.32 -9.87 2.32
O1 SO4 Q . -38.34 -9.05 1.61
O2 SO4 Q . -39.39 -11.19 1.71
O3 SO4 Q . -38.92 -10.00 3.72
O4 SO4 Q . -40.62 -9.21 2.24
S SO4 R . -11.57 29.08 32.25
O1 SO4 R . -10.55 29.56 31.30
O2 SO4 R . -12.08 27.78 31.79
O3 SO4 R . -10.96 28.92 33.57
O4 SO4 R . -12.67 30.03 32.31
C1 IPA S . 9.66 25.66 -39.07
C2 IPA S . 9.89 26.55 -40.29
C3 IPA S . 10.87 27.67 -39.94
O2 IPA S . 10.40 25.79 -41.36
S SO4 T . -9.44 11.58 -41.31
O1 SO4 T . -8.41 12.53 -41.71
O2 SO4 T . -9.81 10.77 -42.48
O3 SO4 T . -8.92 10.71 -40.26
O4 SO4 T . -10.61 12.31 -40.83
S SO4 U . 19.18 28.23 -56.45
O1 SO4 U . 19.21 28.55 -57.88
O2 SO4 U . 20.44 27.58 -56.06
O3 SO4 U . 18.08 27.31 -56.20
O4 SO4 U . 19.01 29.46 -55.68
#